data_2RV5
#
_entry.id   2RV5
#
loop_
_entity.id
_entity.type
_entity.pdbx_description
1 polymer 'Zinc finger protein ZFAT'
2 non-polymer 'ZINC ION'
#
_entity_poly.entity_id   1
_entity_poly.type   'polypeptide(L)'
_entity_poly.pdbx_seq_one_letter_code
;GSSGSSGYVCALCLKKFVSSIRLRSHIREVHGAAQ
;
_entity_poly.pdbx_strand_id   A
#
loop_
_chem_comp.id
_chem_comp.type
_chem_comp.name
_chem_comp.formula
ZN non-polymer 'ZINC ION' 'Zn 2'
#
# COMPACT_ATOMS: atom_id res chain seq x y z
N GLY A 1 -7.31 -9.02 -8.41
CA GLY A 1 -6.91 -8.17 -7.28
C GLY A 1 -7.21 -8.83 -5.94
N SER A 2 -7.27 -8.04 -4.86
CA SER A 2 -7.63 -8.52 -3.52
C SER A 2 -9.12 -8.86 -3.38
N SER A 3 -9.49 -9.69 -2.39
CA SER A 3 -10.88 -10.05 -2.08
C SER A 3 -11.57 -8.94 -1.27
N GLY A 4 -12.73 -8.47 -1.74
CA GLY A 4 -13.44 -7.31 -1.18
C GLY A 4 -12.64 -6.00 -1.29
N SER A 5 -13.00 -5.01 -0.45
CA SER A 5 -12.39 -3.66 -0.39
C SER A 5 -12.48 -2.84 -1.69
N SER A 6 -11.98 -1.60 -1.61
CA SER A 6 -11.80 -0.64 -2.72
C SER A 6 -10.33 -0.16 -2.84
N GLY A 7 -9.40 -0.81 -2.13
CA GLY A 7 -7.98 -0.45 -2.10
C GLY A 7 -7.10 -1.43 -1.33
N TYR A 8 -5.79 -1.16 -1.30
CA TYR A 8 -4.73 -2.01 -0.75
C TYR A 8 -4.01 -1.30 0.41
N VAL A 9 -3.48 -2.03 1.41
CA VAL A 9 -2.94 -1.46 2.65
C VAL A 9 -1.48 -1.87 2.91
N CYS A 10 -0.67 -0.92 3.40
CA CYS A 10 0.70 -1.12 3.86
C CYS A 10 0.77 -2.16 5.00
N ALA A 11 1.73 -3.07 4.94
CA ALA A 11 2.00 -4.05 5.98
C ALA A 11 2.86 -3.48 7.13
N LEU A 12 3.37 -2.25 6.98
CA LEU A 12 4.36 -1.63 7.87
C LEU A 12 3.75 -0.47 8.69
N CYS A 13 3.14 0.50 8.00
CA CYS A 13 2.47 1.67 8.59
C CYS A 13 0.92 1.65 8.54
N LEU A 14 0.33 0.59 7.97
CA LEU A 14 -1.12 0.34 7.91
C LEU A 14 -1.96 1.41 7.16
N LYS A 15 -1.31 2.18 6.27
CA LYS A 15 -1.91 3.19 5.37
C LYS A 15 -2.55 2.57 4.12
N LYS A 16 -3.70 3.07 3.68
CA LYS A 16 -4.46 2.58 2.51
C LYS A 16 -4.18 3.37 1.23
N PHE A 17 -4.25 2.68 0.09
CA PHE A 17 -3.91 3.14 -1.26
C PHE A 17 -4.92 2.66 -2.31
N VAL A 18 -5.05 3.41 -3.41
CA VAL A 18 -6.01 3.14 -4.50
C VAL A 18 -5.66 1.91 -5.34
N SER A 19 -4.38 1.50 -5.38
CA SER A 19 -3.90 0.36 -6.18
C SER A 19 -2.75 -0.39 -5.51
N SER A 20 -2.49 -1.62 -5.97
CA SER A 20 -1.34 -2.43 -5.56
C SER A 20 0.00 -1.81 -5.98
N ILE A 21 0.06 -1.11 -7.13
CA ILE A 21 1.23 -0.35 -7.56
C ILE A 21 1.49 0.84 -6.61
N ARG A 22 0.46 1.60 -6.26
CA ARG A 22 0.57 2.74 -5.35
C ARG A 22 1.04 2.31 -3.95
N LEU A 23 0.63 1.11 -3.49
CA LEU A 23 1.15 0.46 -2.29
C LEU A 23 2.62 0.03 -2.47
N ARG A 24 2.95 -0.73 -3.52
CA ARG A 24 4.31 -1.26 -3.75
C ARG A 24 5.37 -0.16 -3.76
N SER A 25 5.10 0.91 -4.48
CA SER A 25 5.99 2.08 -4.61
C SER A 25 6.07 2.93 -3.34
N HIS A 26 4.98 3.06 -2.57
CA HIS A 26 5.00 3.75 -1.25
C HIS A 26 6.09 3.17 -0.33
N ILE A 27 6.19 1.84 -0.26
CA ILE A 27 7.15 1.17 0.62
C ILE A 27 8.58 1.58 0.26
N ARG A 28 8.90 1.75 -1.03
CA ARG A 28 10.24 2.10 -1.49
C ARG A 28 10.57 3.57 -1.23
N GLU A 29 9.56 4.44 -1.34
CA GLU A 29 9.69 5.89 -1.11
C GLU A 29 9.95 6.23 0.36
N VAL A 30 9.32 5.55 1.32
CA VAL A 30 9.34 5.95 2.74
C VAL A 30 9.86 4.89 3.72
N HIS A 31 9.72 3.60 3.40
CA HIS A 31 10.25 2.50 4.23
C HIS A 31 11.58 1.94 3.67
N GLY A 32 11.92 2.30 2.43
CA GLY A 32 13.21 1.99 1.77
C GLY A 32 13.49 0.51 1.51
N ALA A 33 12.45 -0.33 1.37
CA ALA A 33 12.60 -1.77 1.16
C ALA A 33 13.12 -2.10 -0.25
N ALA A 34 14.41 -2.39 -0.37
CA ALA A 34 15.08 -2.74 -1.62
C ALA A 34 15.13 -4.27 -1.81
N GLN A 35 16.17 -4.75 -2.50
CA GLN A 35 16.44 -6.16 -2.85
C GLN A 35 17.91 -6.53 -2.62
ZN ZN B . 3.78 2.23 4.77
N GLY A 1 -15.07 -11.95 11.18
CA GLY A 1 -15.74 -10.63 11.09
C GLY A 1 -16.55 -10.51 9.81
N SER A 2 -17.76 -9.95 9.90
CA SER A 2 -18.73 -9.88 8.80
C SER A 2 -18.49 -8.73 7.80
N SER A 3 -17.64 -7.75 8.15
CA SER A 3 -17.37 -6.55 7.34
C SER A 3 -16.61 -6.85 6.04
N GLY A 4 -17.00 -6.18 4.95
CA GLY A 4 -16.31 -6.22 3.65
C GLY A 4 -15.02 -5.38 3.60
N SER A 5 -14.24 -5.55 2.54
CA SER A 5 -13.00 -4.78 2.26
C SER A 5 -12.73 -4.64 0.76
N SER A 6 -12.08 -3.54 0.36
CA SER A 6 -11.65 -3.23 -1.00
C SER A 6 -10.44 -2.28 -0.99
N GLY A 7 -9.59 -2.33 -2.02
CA GLY A 7 -8.30 -1.63 -2.07
C GLY A 7 -7.17 -2.37 -1.34
N TYR A 8 -6.06 -1.67 -1.09
CA TYR A 8 -4.80 -2.22 -0.56
C TYR A 8 -4.30 -1.43 0.65
N VAL A 9 -3.59 -2.08 1.58
CA VAL A 9 -3.06 -1.44 2.81
C VAL A 9 -1.59 -1.84 3.04
N CYS A 10 -0.77 -0.87 3.47
CA CYS A 10 0.62 -1.06 3.84
C CYS A 10 0.77 -2.01 5.04
N ALA A 11 1.57 -3.06 4.87
CA ALA A 11 1.87 -4.03 5.94
C ALA A 11 2.80 -3.46 7.03
N LEU A 12 3.33 -2.24 6.84
CA LEU A 12 4.32 -1.61 7.70
C LEU A 12 3.73 -0.44 8.51
N CYS A 13 3.10 0.53 7.82
CA CYS A 13 2.48 1.72 8.42
C CYS A 13 0.93 1.75 8.43
N LEU A 14 0.27 0.71 7.91
CA LEU A 14 -1.19 0.52 7.89
C LEU A 14 -2.00 1.62 7.17
N LYS A 15 -1.34 2.38 6.27
CA LYS A 15 -1.98 3.32 5.33
C LYS A 15 -2.72 2.61 4.20
N LYS A 16 -3.89 3.12 3.80
CA LYS A 16 -4.71 2.61 2.68
C LYS A 16 -4.36 3.26 1.32
N PHE A 17 -4.60 2.50 0.25
CA PHE A 17 -4.28 2.82 -1.15
C PHE A 17 -5.36 2.35 -2.14
N VAL A 18 -5.45 3.05 -3.28
CA VAL A 18 -6.38 2.75 -4.39
C VAL A 18 -5.97 1.54 -5.24
N SER A 19 -4.65 1.29 -5.36
CA SER A 19 -4.07 0.22 -6.18
C SER A 19 -2.78 -0.32 -5.58
N SER A 20 -2.45 -1.59 -5.85
CA SER A 20 -1.23 -2.24 -5.38
C SER A 20 0.04 -1.56 -5.90
N ILE A 21 0.01 -0.95 -7.09
CA ILE A 21 1.16 -0.21 -7.65
C ILE A 21 1.50 1.01 -6.79
N ARG A 22 0.47 1.75 -6.32
CA ARG A 22 0.63 2.91 -5.43
C ARG A 22 1.31 2.52 -4.12
N LEU A 23 0.91 1.37 -3.56
CA LEU A 23 1.48 0.80 -2.35
C LEU A 23 2.91 0.27 -2.56
N ARG A 24 3.17 -0.48 -3.63
CA ARG A 24 4.49 -1.10 -3.91
C ARG A 24 5.60 -0.06 -3.95
N SER A 25 5.35 1.06 -4.60
CA SER A 25 6.30 2.19 -4.71
C SER A 25 6.37 3.04 -3.44
N HIS A 26 5.28 3.19 -2.68
CA HIS A 26 5.29 3.84 -1.36
C HIS A 26 6.30 3.19 -0.40
N ILE A 27 6.37 1.85 -0.37
CA ILE A 27 7.29 1.15 0.53
C ILE A 27 8.75 1.50 0.21
N ARG A 28 9.10 1.69 -1.08
CA ARG A 28 10.49 1.98 -1.49
C ARG A 28 10.88 3.43 -1.17
N GLU A 29 9.93 4.36 -1.29
CA GLU A 29 10.13 5.78 -1.01
C GLU A 29 10.10 6.13 0.49
N VAL A 30 9.28 5.42 1.28
CA VAL A 30 8.99 5.77 2.70
C VAL A 30 9.61 4.80 3.70
N HIS A 31 9.72 3.51 3.35
CA HIS A 31 10.24 2.45 4.23
C HIS A 31 11.57 1.85 3.76
N GLY A 32 11.99 2.16 2.53
CA GLY A 32 13.31 1.82 1.97
C GLY A 32 13.55 0.35 1.64
N ALA A 33 12.50 -0.43 1.32
CA ALA A 33 12.61 -1.85 0.96
C ALA A 33 13.11 -2.09 -0.49
N ALA A 34 14.30 -1.56 -0.76
CA ALA A 34 14.99 -1.57 -2.06
C ALA A 34 16.49 -1.97 -1.93
N GLN A 35 16.86 -2.57 -0.79
CA GLN A 35 18.24 -2.94 -0.40
C GLN A 35 18.80 -4.10 -1.24
ZN ZN B . 3.76 2.31 4.59
N GLY A 1 -19.16 -8.81 1.55
CA GLY A 1 -18.69 -10.19 1.81
C GLY A 1 -17.74 -10.23 3.00
N SER A 2 -17.80 -11.32 3.79
CA SER A 2 -17.00 -11.50 5.01
C SER A 2 -15.49 -11.43 4.73
N SER A 3 -14.76 -10.69 5.57
CA SER A 3 -13.31 -10.41 5.45
C SER A 3 -12.87 -9.77 4.12
N GLY A 4 -13.79 -9.17 3.36
CA GLY A 4 -13.50 -8.43 2.13
C GLY A 4 -12.87 -7.05 2.36
N SER A 5 -12.36 -6.43 1.30
CA SER A 5 -11.71 -5.11 1.32
C SER A 5 -11.98 -4.30 0.03
N SER A 6 -11.85 -2.97 0.14
CA SER A 6 -12.11 -1.99 -0.94
C SER A 6 -10.86 -1.27 -1.45
N GLY A 7 -9.67 -1.69 -1.01
CA GLY A 7 -8.37 -1.15 -1.41
C GLY A 7 -7.19 -1.93 -0.82
N TYR A 8 -5.96 -1.50 -1.14
CA TYR A 8 -4.71 -2.12 -0.68
C TYR A 8 -4.16 -1.36 0.54
N VAL A 9 -3.51 -2.05 1.47
CA VAL A 9 -3.00 -1.45 2.72
C VAL A 9 -1.56 -1.88 3.01
N CYS A 10 -0.74 -0.93 3.45
CA CYS A 10 0.64 -1.14 3.92
C CYS A 10 0.70 -2.13 5.09
N ALA A 11 1.64 -3.08 5.03
CA ALA A 11 1.91 -4.03 6.11
C ALA A 11 2.81 -3.43 7.22
N LEU A 12 3.35 -2.23 7.00
CA LEU A 12 4.37 -1.59 7.85
C LEU A 12 3.79 -0.43 8.65
N CYS A 13 3.14 0.53 7.96
CA CYS A 13 2.48 1.71 8.56
C CYS A 13 0.93 1.71 8.53
N LEU A 14 0.31 0.66 7.97
CA LEU A 14 -1.15 0.44 7.91
C LEU A 14 -1.96 1.51 7.15
N LYS A 15 -1.30 2.25 6.25
CA LYS A 15 -1.90 3.24 5.33
C LYS A 15 -2.57 2.60 4.12
N LYS A 16 -3.74 3.13 3.70
CA LYS A 16 -4.55 2.61 2.58
C LYS A 16 -4.28 3.32 1.25
N PHE A 17 -4.44 2.57 0.15
CA PHE A 17 -4.13 2.94 -1.24
C PHE A 17 -5.18 2.41 -2.24
N VAL A 18 -5.33 3.10 -3.36
CA VAL A 18 -6.28 2.77 -4.44
C VAL A 18 -5.88 1.51 -5.24
N SER A 19 -4.57 1.27 -5.42
CA SER A 19 -4.01 0.19 -6.26
C SER A 19 -2.74 -0.40 -5.66
N SER A 20 -2.39 -1.63 -6.05
CA SER A 20 -1.18 -2.33 -5.59
C SER A 20 0.10 -1.59 -5.94
N ILE A 21 0.19 -0.99 -7.14
CA ILE A 21 1.35 -0.22 -7.59
C ILE A 21 1.62 1.00 -6.70
N ARG A 22 0.56 1.71 -6.30
CA ARG A 22 0.62 2.90 -5.42
C ARG A 22 1.21 2.52 -4.05
N LEU A 23 0.80 1.38 -3.51
CA LEU A 23 1.34 0.82 -2.28
C LEU A 23 2.79 0.33 -2.44
N ARG A 24 3.11 -0.43 -3.49
CA ARG A 24 4.46 -0.97 -3.74
C ARG A 24 5.50 0.14 -3.76
N SER A 25 5.25 1.18 -4.53
CA SER A 25 6.13 2.35 -4.64
C SER A 25 6.20 3.17 -3.35
N HIS A 26 5.10 3.31 -2.58
CA HIS A 26 5.13 3.91 -1.24
C HIS A 26 6.16 3.21 -0.33
N ILE A 27 6.17 1.87 -0.31
CA ILE A 27 7.09 1.12 0.55
C ILE A 27 8.54 1.43 0.17
N ARG A 28 8.86 1.54 -1.13
CA ARG A 28 10.23 1.89 -1.56
C ARG A 28 10.59 3.34 -1.23
N GLU A 29 9.65 4.27 -1.38
CA GLU A 29 9.84 5.70 -1.16
C GLU A 29 10.09 6.05 0.31
N VAL A 30 9.35 5.43 1.25
CA VAL A 30 9.37 5.85 2.67
C VAL A 30 9.86 4.81 3.66
N HIS A 31 9.71 3.52 3.34
CA HIS A 31 10.22 2.43 4.20
C HIS A 31 11.55 1.85 3.67
N GLY A 32 11.91 2.18 2.41
CA GLY A 32 13.17 1.80 1.77
C GLY A 32 13.47 0.30 1.71
N ALA A 33 12.42 -0.54 1.62
CA ALA A 33 12.53 -1.99 1.77
C ALA A 33 13.41 -2.69 0.71
N ALA A 34 13.48 -2.14 -0.50
CA ALA A 34 14.32 -2.60 -1.61
C ALA A 34 14.52 -1.47 -2.62
N GLN A 35 15.76 -1.29 -3.07
CA GLN A 35 16.19 -0.32 -4.09
C GLN A 35 15.63 -0.64 -5.49
ZN ZN B . 3.74 2.23 4.70
N GLY A 1 -13.10 -11.01 8.31
CA GLY A 1 -11.87 -10.31 7.92
C GLY A 1 -11.86 -9.92 6.45
N SER A 2 -10.85 -9.15 6.03
CA SER A 2 -10.65 -8.68 4.64
C SER A 2 -9.16 -8.49 4.31
N SER A 3 -8.80 -8.71 3.04
CA SER A 3 -7.46 -8.45 2.50
C SER A 3 -7.21 -6.96 2.15
N GLY A 4 -8.27 -6.14 2.08
CA GLY A 4 -8.19 -4.71 1.75
C GLY A 4 -9.49 -4.17 1.17
N SER A 5 -10.46 -3.85 2.04
CA SER A 5 -11.77 -3.31 1.63
C SER A 5 -11.63 -1.91 1.03
N SER A 6 -12.09 -1.74 -0.21
CA SER A 6 -12.02 -0.48 -0.99
C SER A 6 -10.61 0.12 -1.17
N GLY A 7 -9.54 -0.66 -0.95
CA GLY A 7 -8.15 -0.24 -1.17
C GLY A 7 -7.12 -1.17 -0.54
N TYR A 8 -5.90 -1.18 -1.11
CA TYR A 8 -4.77 -2.00 -0.69
C TYR A 8 -4.02 -1.33 0.48
N VAL A 9 -3.50 -2.08 1.44
CA VAL A 9 -2.94 -1.51 2.69
C VAL A 9 -1.49 -1.92 2.95
N CYS A 10 -0.68 -0.96 3.42
CA CYS A 10 0.69 -1.15 3.88
C CYS A 10 0.77 -2.17 5.03
N ALA A 11 1.74 -3.07 4.97
CA ALA A 11 2.01 -4.05 6.02
C ALA A 11 2.89 -3.47 7.16
N LEU A 12 3.38 -2.23 7.00
CA LEU A 12 4.37 -1.60 7.88
C LEU A 12 3.75 -0.43 8.67
N CYS A 13 3.13 0.53 7.99
CA CYS A 13 2.45 1.70 8.57
C CYS A 13 0.90 1.68 8.50
N LEU A 14 0.31 0.60 7.95
CA LEU A 14 -1.14 0.35 7.90
C LEU A 14 -1.99 1.40 7.14
N LYS A 15 -1.37 2.16 6.23
CA LYS A 15 -2.00 3.15 5.34
C LYS A 15 -2.64 2.50 4.10
N LYS A 16 -3.82 3.00 3.68
CA LYS A 16 -4.58 2.50 2.51
C LYS A 16 -4.31 3.29 1.23
N PHE A 17 -4.35 2.60 0.08
CA PHE A 17 -4.01 3.08 -1.26
C PHE A 17 -5.02 2.64 -2.33
N VAL A 18 -5.12 3.42 -3.41
CA VAL A 18 -6.03 3.20 -4.55
C VAL A 18 -5.68 1.97 -5.40
N SER A 19 -4.42 1.55 -5.41
CA SER A 19 -3.89 0.45 -6.22
C SER A 19 -2.73 -0.27 -5.53
N SER A 20 -2.53 -1.54 -5.84
CA SER A 20 -1.37 -2.34 -5.41
C SER A 20 -0.05 -1.72 -5.90
N ILE A 21 -0.04 -1.05 -7.06
CA ILE A 21 1.14 -0.36 -7.58
C ILE A 21 1.53 0.85 -6.70
N ARG A 22 0.55 1.63 -6.25
CA ARG A 22 0.76 2.77 -5.34
C ARG A 22 1.29 2.30 -3.97
N LEU A 23 0.79 1.18 -3.48
CA LEU A 23 1.28 0.51 -2.27
C LEU A 23 2.72 0.01 -2.45
N ARG A 24 3.02 -0.72 -3.53
CA ARG A 24 4.36 -1.27 -3.79
C ARG A 24 5.42 -0.19 -3.85
N SER A 25 5.11 0.91 -4.55
CA SER A 25 6.00 2.07 -4.68
C SER A 25 6.13 2.87 -3.37
N HIS A 26 5.04 3.02 -2.59
CA HIS A 26 5.05 3.70 -1.28
C HIS A 26 6.13 3.14 -0.35
N ILE A 27 6.23 1.80 -0.27
CA ILE A 27 7.19 1.13 0.62
C ILE A 27 8.63 1.53 0.25
N ARG A 28 8.93 1.72 -1.03
CA ARG A 28 10.29 2.09 -1.49
C ARG A 28 10.60 3.55 -1.21
N GLU A 29 9.60 4.41 -1.33
CA GLU A 29 9.73 5.86 -1.13
C GLU A 29 9.93 6.26 0.33
N VAL A 30 9.28 5.57 1.30
CA VAL A 30 9.32 5.96 2.72
C VAL A 30 9.86 4.90 3.69
N HIS A 31 9.72 3.61 3.37
CA HIS A 31 10.25 2.52 4.21
C HIS A 31 11.57 1.94 3.66
N GLY A 32 11.94 2.32 2.43
CA GLY A 32 13.22 2.01 1.79
C GLY A 32 13.51 0.52 1.51
N ALA A 33 12.49 -0.31 1.35
CA ALA A 33 12.64 -1.75 1.12
C ALA A 33 13.14 -2.07 -0.31
N ALA A 34 14.45 -2.22 -0.48
CA ALA A 34 15.12 -2.54 -1.74
C ALA A 34 16.45 -3.29 -1.47
N GLN A 35 16.60 -4.47 -2.08
CA GLN A 35 17.77 -5.35 -1.98
C GLN A 35 18.77 -5.12 -3.13
ZN ZN B . 3.76 2.21 4.74
N GLY A 1 -26.30 1.94 0.92
CA GLY A 1 -25.79 0.55 0.82
C GLY A 1 -24.39 0.41 1.39
N SER A 2 -24.04 -0.79 1.88
CA SER A 2 -22.73 -1.08 2.49
C SER A 2 -21.58 -1.03 1.47
N SER A 3 -20.39 -0.61 1.92
CA SER A 3 -19.15 -0.56 1.13
C SER A 3 -18.45 -1.92 0.99
N GLY A 4 -17.72 -2.10 -0.11
CA GLY A 4 -16.89 -3.29 -0.37
C GLY A 4 -15.52 -3.26 0.32
N SER A 5 -14.78 -4.36 0.22
CA SER A 5 -13.42 -4.54 0.77
C SER A 5 -12.32 -3.90 -0.10
N SER A 6 -12.57 -2.67 -0.57
CA SER A 6 -11.78 -1.96 -1.58
C SER A 6 -10.43 -1.44 -1.07
N GLY A 7 -9.47 -1.29 -1.99
CA GLY A 7 -8.12 -0.75 -1.72
C GLY A 7 -7.12 -1.76 -1.13
N TYR A 8 -5.85 -1.35 -1.09
CA TYR A 8 -4.70 -2.13 -0.63
C TYR A 8 -4.01 -1.42 0.55
N VAL A 9 -3.50 -2.14 1.54
CA VAL A 9 -2.98 -1.55 2.79
C VAL A 9 -1.52 -1.93 3.06
N CYS A 10 -0.73 -0.96 3.50
CA CYS A 10 0.68 -1.11 3.89
C CYS A 10 0.81 -2.03 5.12
N ALA A 11 1.59 -3.11 4.98
CA ALA A 11 1.88 -4.04 6.08
C ALA A 11 2.81 -3.44 7.16
N LEU A 12 3.36 -2.22 6.92
CA LEU A 12 4.36 -1.57 7.77
C LEU A 12 3.74 -0.41 8.57
N CYS A 13 3.06 0.52 7.87
CA CYS A 13 2.41 1.70 8.47
C CYS A 13 0.85 1.71 8.46
N LEU A 14 0.22 0.64 7.95
CA LEU A 14 -1.25 0.42 7.97
C LEU A 14 -2.08 1.48 7.22
N LYS A 15 -1.48 2.22 6.30
CA LYS A 15 -2.13 3.16 5.36
C LYS A 15 -2.77 2.44 4.16
N LYS A 16 -3.98 2.87 3.76
CA LYS A 16 -4.66 2.40 2.53
C LYS A 16 -4.28 3.19 1.27
N PHE A 17 -4.35 2.52 0.12
CA PHE A 17 -4.05 2.99 -1.24
C PHE A 17 -5.10 2.52 -2.25
N VAL A 18 -5.25 3.27 -3.36
CA VAL A 18 -6.18 2.97 -4.46
C VAL A 18 -5.80 1.70 -5.27
N SER A 19 -4.51 1.38 -5.34
CA SER A 19 -3.96 0.25 -6.11
C SER A 19 -2.71 -0.33 -5.43
N SER A 20 -2.45 -1.61 -5.66
CA SER A 20 -1.23 -2.30 -5.24
C SER A 20 0.02 -1.60 -5.76
N ILE A 21 -0.02 -1.02 -6.97
CA ILE A 21 1.14 -0.34 -7.57
C ILE A 21 1.50 0.95 -6.80
N ARG A 22 0.50 1.72 -6.35
CA ARG A 22 0.71 2.90 -5.50
C ARG A 22 1.33 2.52 -4.15
N LEU A 23 0.88 1.40 -3.58
CA LEU A 23 1.40 0.84 -2.34
C LEU A 23 2.85 0.34 -2.49
N ARG A 24 3.17 -0.39 -3.56
CA ARG A 24 4.52 -0.94 -3.80
C ARG A 24 5.57 0.16 -3.76
N SER A 25 5.36 1.22 -4.55
CA SER A 25 6.26 2.36 -4.64
C SER A 25 6.32 3.19 -3.35
N HIS A 26 5.21 3.32 -2.61
CA HIS A 26 5.22 3.92 -1.26
C HIS A 26 6.22 3.20 -0.34
N ILE A 27 6.24 1.87 -0.33
CA ILE A 27 7.17 1.11 0.52
C ILE A 27 8.62 1.44 0.13
N ARG A 28 8.94 1.53 -1.17
CA ARG A 28 10.31 1.84 -1.62
C ARG A 28 10.74 3.27 -1.29
N GLU A 29 9.83 4.23 -1.43
CA GLU A 29 10.10 5.66 -1.18
C GLU A 29 10.13 6.04 0.30
N VAL A 30 9.27 5.41 1.12
CA VAL A 30 8.99 5.84 2.51
C VAL A 30 9.51 4.87 3.57
N HIS A 31 9.62 3.57 3.24
CA HIS A 31 10.16 2.55 4.14
C HIS A 31 11.50 1.95 3.67
N GLY A 32 11.89 2.16 2.42
CA GLY A 32 13.20 1.78 1.87
C GLY A 32 13.46 0.27 1.75
N ALA A 33 12.41 -0.55 1.65
CA ALA A 33 12.51 -2.00 1.56
C ALA A 33 13.22 -2.45 0.28
N ALA A 34 14.19 -3.33 0.46
CA ALA A 34 15.01 -3.95 -0.59
C ALA A 34 14.50 -5.33 -1.08
N GLN A 35 13.29 -5.72 -0.68
CA GLN A 35 12.67 -7.03 -0.95
C GLN A 35 12.34 -7.26 -2.43
ZN ZN B . 3.70 2.32 4.65
N GLY A 1 -16.18 0.42 -11.96
CA GLY A 1 -17.04 0.90 -10.85
C GLY A 1 -16.59 0.32 -9.52
N SER A 2 -16.66 1.13 -8.45
CA SER A 2 -16.20 0.78 -7.09
C SER A 2 -17.21 1.21 -6.01
N SER A 3 -17.22 0.50 -4.88
CA SER A 3 -18.11 0.76 -3.73
C SER A 3 -17.45 0.40 -2.38
N GLY A 4 -18.00 0.94 -1.28
CA GLY A 4 -17.51 0.71 0.08
C GLY A 4 -16.16 1.38 0.38
N SER A 5 -15.51 0.93 1.47
CA SER A 5 -14.23 1.45 1.98
C SER A 5 -13.00 0.62 1.58
N SER A 6 -13.16 -0.32 0.64
CA SER A 6 -12.12 -1.26 0.20
C SER A 6 -10.90 -0.59 -0.46
N GLY A 7 -9.72 -1.18 -0.26
CA GLY A 7 -8.44 -0.75 -0.84
C GLY A 7 -7.27 -1.63 -0.41
N TYR A 8 -6.09 -1.38 -0.98
CA TYR A 8 -4.83 -2.05 -0.61
C TYR A 8 -4.19 -1.34 0.59
N VAL A 9 -3.54 -2.07 1.51
CA VAL A 9 -3.00 -1.49 2.75
C VAL A 9 -1.56 -1.92 3.03
N CYS A 10 -0.74 -0.99 3.50
CA CYS A 10 0.64 -1.19 3.93
C CYS A 10 0.75 -2.20 5.09
N ALA A 11 1.70 -3.12 4.98
CA ALA A 11 2.00 -4.10 6.03
C ALA A 11 2.91 -3.52 7.15
N LEU A 12 3.39 -2.28 6.97
CA LEU A 12 4.38 -1.63 7.83
C LEU A 12 3.78 -0.46 8.64
N CYS A 13 3.13 0.48 7.93
CA CYS A 13 2.46 1.66 8.51
C CYS A 13 0.91 1.65 8.46
N LEU A 14 0.30 0.62 7.87
CA LEU A 14 -1.16 0.39 7.80
C LEU A 14 -1.98 1.52 7.13
N LYS A 15 -1.34 2.25 6.21
CA LYS A 15 -1.95 3.25 5.31
C LYS A 15 -2.64 2.60 4.09
N LYS A 16 -3.79 3.13 3.66
CA LYS A 16 -4.61 2.61 2.54
C LYS A 16 -4.34 3.32 1.20
N PHE A 17 -4.45 2.57 0.10
CA PHE A 17 -4.11 2.96 -1.27
C PHE A 17 -5.15 2.48 -2.31
N VAL A 18 -5.23 3.23 -3.42
CA VAL A 18 -6.12 2.97 -4.58
C VAL A 18 -5.71 1.72 -5.39
N SER A 19 -4.42 1.39 -5.43
CA SER A 19 -3.87 0.26 -6.19
C SER A 19 -2.62 -0.32 -5.50
N SER A 20 -2.37 -1.62 -5.73
CA SER A 20 -1.16 -2.31 -5.26
C SER A 20 0.12 -1.66 -5.79
N ILE A 21 0.10 -1.04 -6.97
CA ILE A 21 1.24 -0.31 -7.53
C ILE A 21 1.62 0.92 -6.69
N ARG A 22 0.61 1.69 -6.25
CA ARG A 22 0.78 2.88 -5.39
C ARG A 22 1.33 2.48 -4.03
N LEU A 23 0.85 1.37 -3.48
CA LEU A 23 1.33 0.77 -2.24
C LEU A 23 2.79 0.29 -2.39
N ARG A 24 3.12 -0.45 -3.45
CA ARG A 24 4.48 -0.97 -3.68
C ARG A 24 5.50 0.16 -3.71
N SER A 25 5.24 1.20 -4.52
CA SER A 25 6.09 2.38 -4.64
C SER A 25 6.18 3.18 -3.32
N HIS A 26 5.09 3.27 -2.56
CA HIS A 26 5.11 3.86 -1.21
C HIS A 26 6.12 3.16 -0.30
N ILE A 27 6.18 1.82 -0.30
CA ILE A 27 7.15 1.09 0.53
C ILE A 27 8.58 1.45 0.12
N ARG A 28 8.87 1.54 -1.18
CA ARG A 28 10.23 1.87 -1.66
C ARG A 28 10.65 3.31 -1.29
N GLU A 29 9.72 4.26 -1.40
CA GLU A 29 9.98 5.69 -1.16
C GLU A 29 10.00 6.06 0.34
N VAL A 30 9.16 5.42 1.16
CA VAL A 30 8.91 5.81 2.57
C VAL A 30 9.54 4.84 3.57
N HIS A 31 9.62 3.55 3.24
CA HIS A 31 10.19 2.51 4.12
C HIS A 31 11.54 1.96 3.63
N GLY A 32 11.90 2.20 2.37
CA GLY A 32 13.21 1.87 1.80
C GLY A 32 13.54 0.38 1.66
N ALA A 33 12.53 -0.49 1.58
CA ALA A 33 12.68 -1.93 1.35
C ALA A 33 13.28 -2.17 -0.04
N ALA A 34 14.41 -2.88 -0.07
CA ALA A 34 15.21 -3.13 -1.28
C ALA A 34 15.03 -4.53 -1.93
N GLN A 35 14.08 -5.33 -1.43
CA GLN A 35 13.81 -6.72 -1.86
C GLN A 35 12.71 -6.81 -2.94
ZN ZN B . 3.74 2.18 4.71
N GLY A 1 -20.37 3.22 7.82
CA GLY A 1 -19.62 2.04 8.31
C GLY A 1 -18.19 2.41 8.71
N SER A 2 -17.61 1.64 9.63
CA SER A 2 -16.24 1.84 10.15
C SER A 2 -15.12 1.32 9.24
N SER A 3 -15.45 0.47 8.26
CA SER A 3 -14.54 -0.10 7.26
C SER A 3 -15.27 -0.33 5.92
N GLY A 4 -14.53 -0.66 4.86
CA GLY A 4 -15.07 -0.91 3.50
C GLY A 4 -14.13 -1.73 2.61
N SER A 5 -14.74 -2.47 1.67
CA SER A 5 -14.08 -3.40 0.74
C SER A 5 -13.21 -2.71 -0.32
N SER A 6 -12.40 -3.51 -1.03
CA SER A 6 -11.45 -3.09 -2.08
C SER A 6 -10.32 -2.16 -1.60
N GLY A 7 -9.33 -1.92 -2.47
CA GLY A 7 -8.08 -1.21 -2.14
C GLY A 7 -7.06 -2.09 -1.41
N TYR A 8 -5.89 -1.50 -1.12
CA TYR A 8 -4.69 -2.20 -0.61
C TYR A 8 -4.10 -1.44 0.58
N VAL A 9 -3.49 -2.13 1.55
CA VAL A 9 -2.96 -1.51 2.79
C VAL A 9 -1.50 -1.91 3.05
N CYS A 10 -0.70 -0.93 3.50
CA CYS A 10 0.69 -1.10 3.91
C CYS A 10 0.81 -2.00 5.14
N ALA A 11 1.55 -3.10 5.02
CA ALA A 11 1.81 -4.02 6.13
C ALA A 11 2.78 -3.43 7.20
N LEU A 12 3.35 -2.25 6.93
CA LEU A 12 4.37 -1.61 7.76
C LEU A 12 3.77 -0.45 8.58
N CYS A 13 3.06 0.47 7.91
CA CYS A 13 2.42 1.66 8.52
C CYS A 13 0.87 1.69 8.51
N LEU A 14 0.20 0.66 7.98
CA LEU A 14 -1.26 0.46 7.98
C LEU A 14 -2.06 1.56 7.22
N LYS A 15 -1.40 2.28 6.30
CA LYS A 15 -2.02 3.25 5.37
C LYS A 15 -2.67 2.56 4.16
N LYS A 16 -3.85 3.05 3.73
CA LYS A 16 -4.62 2.50 2.60
C LYS A 16 -4.36 3.24 1.28
N PHE A 17 -4.44 2.51 0.17
CA PHE A 17 -4.13 2.92 -1.20
C PHE A 17 -5.15 2.42 -2.22
N VAL A 18 -5.27 3.16 -3.33
CA VAL A 18 -6.16 2.86 -4.47
C VAL A 18 -5.74 1.64 -5.29
N SER A 19 -4.45 1.32 -5.33
CA SER A 19 -3.84 0.28 -6.16
C SER A 19 -2.60 -0.32 -5.49
N SER A 20 -2.31 -1.58 -5.80
CA SER A 20 -1.09 -2.28 -5.36
C SER A 20 0.18 -1.60 -5.88
N ILE A 21 0.15 -0.96 -7.05
CA ILE A 21 1.30 -0.21 -7.61
C ILE A 21 1.63 1.00 -6.72
N ARG A 22 0.61 1.77 -6.32
CA ARG A 22 0.77 2.95 -5.45
C ARG A 22 1.29 2.55 -4.07
N LEU A 23 0.84 1.40 -3.54
CA LEU A 23 1.35 0.82 -2.31
C LEU A 23 2.81 0.34 -2.45
N ARG A 24 3.15 -0.38 -3.53
CA ARG A 24 4.51 -0.93 -3.74
C ARG A 24 5.55 0.18 -3.73
N SER A 25 5.30 1.23 -4.50
CA SER A 25 6.17 2.40 -4.61
C SER A 25 6.22 3.23 -3.31
N HIS A 26 5.11 3.33 -2.57
CA HIS A 26 5.12 3.90 -1.21
C HIS A 26 6.13 3.18 -0.31
N ILE A 27 6.15 1.85 -0.31
CA ILE A 27 7.09 1.08 0.51
C ILE A 27 8.53 1.39 0.10
N ARG A 28 8.82 1.52 -1.21
CA ARG A 28 10.19 1.79 -1.67
C ARG A 28 10.66 3.20 -1.32
N GLU A 29 9.81 4.21 -1.40
CA GLU A 29 10.19 5.61 -1.17
C GLU A 29 10.10 6.05 0.30
N VAL A 30 9.19 5.46 1.08
CA VAL A 30 8.95 5.83 2.50
C VAL A 30 9.61 4.85 3.49
N HIS A 31 9.62 3.55 3.18
CA HIS A 31 10.16 2.52 4.08
C HIS A 31 11.49 1.92 3.60
N GLY A 32 11.86 2.14 2.33
CA GLY A 32 13.16 1.75 1.76
C GLY A 32 13.44 0.24 1.72
N ALA A 33 12.41 -0.58 1.58
CA ALA A 33 12.52 -2.04 1.67
C ALA A 33 13.34 -2.71 0.54
N ALA A 34 13.44 -2.06 -0.62
CA ALA A 34 14.21 -2.49 -1.79
C ALA A 34 14.51 -1.27 -2.68
N GLN A 35 15.64 -1.33 -3.38
CA GLN A 35 16.19 -0.32 -4.31
C GLN A 35 16.51 -0.94 -5.68
ZN ZN B . 3.73 2.32 4.72
N GLY A 1 -19.37 7.19 -3.00
CA GLY A 1 -18.71 6.06 -3.69
C GLY A 1 -19.47 4.75 -3.50
N SER A 2 -19.18 3.76 -4.35
CA SER A 2 -19.83 2.43 -4.33
C SER A 2 -19.47 1.59 -3.10
N SER A 3 -20.38 0.71 -2.68
CA SER A 3 -20.18 -0.22 -1.56
C SER A 3 -19.31 -1.43 -1.97
N GLY A 4 -18.47 -1.91 -1.05
CA GLY A 4 -17.69 -3.15 -1.21
C GLY A 4 -16.50 -3.08 -2.20
N SER A 5 -16.11 -1.88 -2.65
CA SER A 5 -15.00 -1.67 -3.60
C SER A 5 -13.63 -2.07 -3.01
N SER A 6 -12.72 -2.52 -3.88
CA SER A 6 -11.38 -3.02 -3.50
C SER A 6 -10.39 -1.90 -3.16
N GLY A 7 -9.35 -2.25 -2.38
CA GLY A 7 -8.24 -1.38 -2.00
C GLY A 7 -7.11 -2.15 -1.29
N TYR A 8 -5.96 -1.51 -1.12
CA TYR A 8 -4.72 -2.12 -0.60
C TYR A 8 -4.18 -1.35 0.61
N VAL A 9 -3.53 -2.02 1.57
CA VAL A 9 -3.01 -1.40 2.80
C VAL A 9 -1.58 -1.84 3.08
N CYS A 10 -0.74 -0.89 3.52
CA CYS A 10 0.65 -1.08 3.92
C CYS A 10 0.76 -2.04 5.13
N ALA A 11 1.53 -3.11 4.96
CA ALA A 11 1.81 -4.07 6.03
C ALA A 11 2.76 -3.51 7.11
N LEU A 12 3.33 -2.32 6.89
CA LEU A 12 4.34 -1.69 7.75
C LEU A 12 3.75 -0.53 8.57
N CYS A 13 3.08 0.42 7.89
CA CYS A 13 2.46 1.62 8.51
C CYS A 13 0.91 1.66 8.50
N LEU A 14 0.23 0.64 7.97
CA LEU A 14 -1.23 0.48 7.94
C LEU A 14 -2.01 1.60 7.21
N LYS A 15 -1.34 2.28 6.27
CA LYS A 15 -1.90 3.30 5.35
C LYS A 15 -2.56 2.68 4.12
N LYS A 16 -3.71 3.21 3.69
CA LYS A 16 -4.52 2.68 2.57
C LYS A 16 -4.22 3.37 1.22
N PHE A 17 -4.36 2.59 0.14
CA PHE A 17 -4.03 2.94 -1.26
C PHE A 17 -5.07 2.39 -2.25
N VAL A 18 -5.18 3.07 -3.39
CA VAL A 18 -6.13 2.73 -4.48
C VAL A 18 -5.78 1.43 -5.22
N SER A 19 -4.49 1.17 -5.43
CA SER A 19 -3.97 0.02 -6.19
C SER A 19 -2.65 -0.48 -5.60
N SER A 20 -2.31 -1.75 -5.86
CA SER A 20 -1.08 -2.40 -5.40
C SER A 20 0.19 -1.65 -5.83
N ILE A 21 0.22 -1.08 -7.05
CA ILE A 21 1.35 -0.28 -7.56
C ILE A 21 1.64 0.94 -6.67
N ARG A 22 0.59 1.67 -6.27
CA ARG A 22 0.72 2.88 -5.43
C ARG A 22 1.22 2.54 -4.03
N LEU A 23 0.79 1.39 -3.51
CA LEU A 23 1.32 0.84 -2.26
C LEU A 23 2.79 0.41 -2.40
N ARG A 24 3.17 -0.34 -3.44
CA ARG A 24 4.56 -0.81 -3.65
C ARG A 24 5.53 0.35 -3.68
N SER A 25 5.25 1.33 -4.53
CA SER A 25 6.04 2.56 -4.65
C SER A 25 6.11 3.37 -3.34
N HIS A 26 5.04 3.42 -2.53
CA HIS A 26 5.09 3.98 -1.18
C HIS A 26 6.12 3.25 -0.30
N ILE A 27 6.15 1.91 -0.32
CA ILE A 27 7.10 1.14 0.50
C ILE A 27 8.53 1.47 0.08
N ARG A 28 8.82 1.58 -1.22
CA ARG A 28 10.18 1.92 -1.70
C ARG A 28 10.62 3.33 -1.29
N GLU A 29 9.72 4.31 -1.39
CA GLU A 29 10.02 5.72 -1.11
C GLU A 29 10.06 6.04 0.40
N VAL A 30 9.23 5.39 1.21
CA VAL A 30 9.01 5.75 2.63
C VAL A 30 9.63 4.75 3.60
N HIS A 31 9.68 3.46 3.25
CA HIS A 31 10.23 2.40 4.10
C HIS A 31 11.54 1.79 3.58
N GLY A 32 11.91 2.06 2.32
CA GLY A 32 13.20 1.67 1.73
C GLY A 32 13.44 0.16 1.60
N ALA A 33 12.40 -0.62 1.28
CA ALA A 33 12.49 -2.06 1.07
C ALA A 33 13.22 -2.43 -0.22
N ALA A 34 13.35 -3.73 -0.47
CA ALA A 34 14.10 -4.36 -1.55
C ALA A 34 13.16 -5.13 -2.49
N GLN A 35 12.97 -4.57 -3.69
CA GLN A 35 12.29 -5.16 -4.86
C GLN A 35 13.09 -4.85 -6.14
ZN ZN B . 3.78 2.25 4.73
N GLY A 1 -22.93 -0.42 4.59
CA GLY A 1 -21.76 0.15 3.90
C GLY A 1 -21.63 -0.40 2.48
N SER A 2 -21.29 0.47 1.52
CA SER A 2 -21.18 0.13 0.08
C SER A 2 -19.95 -0.74 -0.23
N SER A 3 -20.07 -1.58 -1.26
CA SER A 3 -19.01 -2.54 -1.67
C SER A 3 -17.80 -1.88 -2.35
N GLY A 4 -17.92 -0.62 -2.80
CA GLY A 4 -16.86 0.14 -3.49
C GLY A 4 -15.70 0.61 -2.59
N SER A 5 -15.76 0.39 -1.27
CA SER A 5 -14.77 0.81 -0.28
C SER A 5 -13.51 -0.07 -0.19
N SER A 6 -13.33 -1.01 -1.13
CA SER A 6 -12.14 -1.88 -1.24
C SER A 6 -10.85 -1.13 -1.62
N GLY A 7 -9.69 -1.72 -1.31
CA GLY A 7 -8.36 -1.17 -1.58
C GLY A 7 -7.23 -2.02 -1.01
N TYR A 8 -6.00 -1.50 -1.09
CA TYR A 8 -4.77 -2.14 -0.60
C TYR A 8 -4.19 -1.37 0.59
N VAL A 9 -3.53 -2.04 1.55
CA VAL A 9 -3.02 -1.42 2.77
C VAL A 9 -1.58 -1.86 3.06
N CYS A 10 -0.74 -0.91 3.50
CA CYS A 10 0.64 -1.11 3.90
C CYS A 10 0.76 -2.06 5.10
N ALA A 11 1.54 -3.14 4.94
CA ALA A 11 1.81 -4.09 6.01
C ALA A 11 2.76 -3.53 7.10
N LEU A 12 3.33 -2.33 6.89
CA LEU A 12 4.33 -1.71 7.75
C LEU A 12 3.73 -0.55 8.57
N CYS A 13 3.06 0.40 7.90
CA CYS A 13 2.43 1.60 8.50
C CYS A 13 0.89 1.66 8.47
N LEU A 14 0.21 0.64 7.93
CA LEU A 14 -1.26 0.49 7.87
C LEU A 14 -2.00 1.61 7.12
N LYS A 15 -1.30 2.31 6.20
CA LYS A 15 -1.84 3.31 5.27
C LYS A 15 -2.52 2.66 4.06
N LYS A 16 -3.66 3.21 3.61
CA LYS A 16 -4.50 2.68 2.52
C LYS A 16 -4.25 3.34 1.16
N PHE A 17 -4.43 2.56 0.09
CA PHE A 17 -4.10 2.90 -1.31
C PHE A 17 -5.15 2.36 -2.29
N VAL A 18 -5.28 3.05 -3.44
CA VAL A 18 -6.24 2.76 -4.52
C VAL A 18 -5.92 1.49 -5.31
N SER A 19 -4.62 1.17 -5.46
CA SER A 19 -4.12 0.01 -6.20
C SER A 19 -2.79 -0.46 -5.60
N SER A 20 -2.44 -1.74 -5.78
CA SER A 20 -1.18 -2.30 -5.25
C SER A 20 0.05 -1.57 -5.79
N ILE A 21 0.01 -1.02 -7.01
CA ILE A 21 1.10 -0.22 -7.60
C ILE A 21 1.46 0.99 -6.72
N ARG A 22 0.44 1.70 -6.22
CA ARG A 22 0.63 2.90 -5.38
C ARG A 22 1.20 2.53 -4.01
N LEU A 23 0.82 1.37 -3.47
CA LEU A 23 1.38 0.79 -2.27
C LEU A 23 2.84 0.32 -2.46
N ARG A 24 3.16 -0.40 -3.55
CA ARG A 24 4.51 -0.93 -3.83
C ARG A 24 5.55 0.19 -3.79
N SER A 25 5.30 1.25 -4.55
CA SER A 25 6.19 2.41 -4.63
C SER A 25 6.23 3.23 -3.33
N HIS A 26 5.13 3.32 -2.57
CA HIS A 26 5.14 3.91 -1.22
C HIS A 26 6.19 3.23 -0.32
N ILE A 27 6.22 1.89 -0.29
CA ILE A 27 7.16 1.14 0.56
C ILE A 27 8.60 1.50 0.17
N ARG A 28 8.91 1.59 -1.13
CA ARG A 28 10.27 1.93 -1.57
C ARG A 28 10.66 3.37 -1.22
N GLU A 29 9.72 4.30 -1.35
CA GLU A 29 9.95 5.74 -1.12
C GLU A 29 10.14 6.10 0.36
N VAL A 30 9.39 5.47 1.28
CA VAL A 30 9.40 5.87 2.71
C VAL A 30 9.92 4.82 3.68
N HIS A 31 9.76 3.53 3.36
CA HIS A 31 10.25 2.42 4.20
C HIS A 31 11.59 1.85 3.68
N GLY A 32 11.96 2.19 2.43
CA GLY A 32 13.25 1.86 1.82
C GLY A 32 13.57 0.36 1.67
N ALA A 33 12.54 -0.49 1.61
CA ALA A 33 12.68 -1.94 1.45
C ALA A 33 13.30 -2.28 0.08
N ALA A 34 14.45 -2.93 0.10
CA ALA A 34 15.28 -3.23 -1.08
C ALA A 34 14.92 -4.53 -1.84
N GLN A 35 13.88 -5.24 -1.39
CA GLN A 35 13.34 -6.49 -1.96
C GLN A 35 11.81 -6.44 -2.07
ZN ZN B . 3.79 2.22 4.72
N GLY A 1 -17.48 11.22 -5.89
CA GLY A 1 -17.78 10.52 -7.15
C GLY A 1 -16.97 9.24 -7.26
N SER A 2 -17.62 8.12 -7.62
CA SER A 2 -17.02 6.77 -7.63
C SER A 2 -16.35 6.38 -6.30
N SER A 3 -17.00 6.77 -5.19
CA SER A 3 -16.48 6.73 -3.80
C SER A 3 -16.51 5.32 -3.15
N GLY A 4 -16.10 4.29 -3.88
CA GLY A 4 -16.08 2.89 -3.43
C GLY A 4 -15.09 2.60 -2.29
N SER A 5 -15.40 1.59 -1.48
CA SER A 5 -14.64 1.24 -0.26
C SER A 5 -13.40 0.35 -0.50
N SER A 6 -13.19 -0.13 -1.73
CA SER A 6 -12.08 -1.02 -2.11
C SER A 6 -10.71 -0.31 -2.12
N GLY A 7 -9.64 -1.08 -1.92
CA GLY A 7 -8.26 -0.60 -1.90
C GLY A 7 -7.27 -1.61 -1.31
N TYR A 8 -6.00 -1.19 -1.19
CA TYR A 8 -4.87 -1.98 -0.69
C TYR A 8 -4.19 -1.25 0.48
N VAL A 9 -3.52 -1.97 1.40
CA VAL A 9 -2.98 -1.38 2.64
C VAL A 9 -1.54 -1.83 2.91
N CYS A 10 -0.72 -0.89 3.40
CA CYS A 10 0.65 -1.11 3.85
C CYS A 10 0.73 -2.16 4.98
N ALA A 11 1.69 -3.07 4.88
CA ALA A 11 1.97 -4.09 5.89
C ALA A 11 2.86 -3.56 7.05
N LEU A 12 3.36 -2.32 6.93
CA LEU A 12 4.35 -1.72 7.83
C LEU A 12 3.76 -0.58 8.67
N CYS A 13 3.13 0.40 8.00
CA CYS A 13 2.47 1.58 8.61
C CYS A 13 0.93 1.60 8.52
N LEU A 14 0.32 0.59 7.87
CA LEU A 14 -1.13 0.37 7.78
C LEU A 14 -1.93 1.52 7.10
N LYS A 15 -1.27 2.28 6.22
CA LYS A 15 -1.86 3.30 5.33
C LYS A 15 -2.53 2.66 4.10
N LYS A 16 -3.68 3.19 3.68
CA LYS A 16 -4.50 2.69 2.55
C LYS A 16 -4.22 3.42 1.22
N PHE A 17 -4.38 2.70 0.11
CA PHE A 17 -4.02 3.08 -1.26
C PHE A 17 -5.06 2.61 -2.29
N VAL A 18 -5.12 3.33 -3.42
CA VAL A 18 -6.05 3.07 -4.54
C VAL A 18 -5.71 1.81 -5.35
N SER A 19 -4.43 1.45 -5.45
CA SER A 19 -3.95 0.27 -6.17
C SER A 19 -2.79 -0.43 -5.47
N SER A 20 -2.53 -1.69 -5.84
CA SER A 20 -1.37 -2.44 -5.36
C SER A 20 -0.04 -1.87 -5.91
N ILE A 21 -0.08 -1.09 -7.01
CA ILE A 21 1.09 -0.39 -7.56
C ILE A 21 1.47 0.80 -6.67
N ARG A 22 0.48 1.61 -6.25
CA ARG A 22 0.73 2.74 -5.32
C ARG A 22 1.27 2.24 -3.97
N LEU A 23 0.80 1.09 -3.51
CA LEU A 23 1.28 0.40 -2.31
C LEU A 23 2.73 -0.07 -2.49
N ARG A 24 3.07 -0.78 -3.58
CA ARG A 24 4.45 -1.24 -3.83
C ARG A 24 5.46 -0.10 -3.79
N SER A 25 5.15 1.01 -4.47
CA SER A 25 6.04 2.16 -4.59
C SER A 25 6.12 3.00 -3.31
N HIS A 26 5.03 3.10 -2.53
CA HIS A 26 5.03 3.74 -1.19
C HIS A 26 6.13 3.17 -0.30
N ILE A 27 6.26 1.84 -0.25
CA ILE A 27 7.24 1.15 0.61
C ILE A 27 8.66 1.58 0.25
N ARG A 28 8.95 1.77 -1.04
CA ARG A 28 10.30 2.16 -1.50
C ARG A 28 10.61 3.62 -1.21
N GLU A 29 9.59 4.49 -1.30
CA GLU A 29 9.72 5.92 -1.05
C GLU A 29 9.93 6.27 0.43
N VAL A 30 9.28 5.57 1.36
CA VAL A 30 9.32 5.93 2.80
C VAL A 30 9.86 4.86 3.75
N HIS A 31 9.73 3.57 3.41
CA HIS A 31 10.26 2.46 4.21
C HIS A 31 11.58 1.90 3.65
N GLY A 32 11.96 2.32 2.43
CA GLY A 32 13.25 2.07 1.81
C GLY A 32 13.55 0.61 1.41
N ALA A 33 12.53 -0.19 1.10
CA ALA A 33 12.68 -1.60 0.70
C ALA A 33 13.14 -1.78 -0.77
N ALA A 34 14.25 -1.12 -1.11
CA ALA A 34 14.85 -1.04 -2.45
C ALA A 34 16.34 -1.43 -2.49
N GLN A 35 16.87 -2.01 -1.40
CA GLN A 35 18.27 -2.46 -1.23
C GLN A 35 18.34 -3.84 -0.57
ZN ZN B . 3.78 2.17 4.82
N GLY A 1 -25.93 7.91 0.88
CA GLY A 1 -25.06 7.07 1.73
C GLY A 1 -23.68 7.67 1.93
N SER A 2 -22.97 7.25 2.98
CA SER A 2 -21.63 7.75 3.32
C SER A 2 -20.54 7.32 2.31
N SER A 3 -19.52 8.15 2.12
CA SER A 3 -18.41 7.92 1.18
C SER A 3 -17.46 6.81 1.63
N GLY A 4 -16.86 6.11 0.66
CA GLY A 4 -15.85 5.06 0.87
C GLY A 4 -15.35 4.45 -0.45
N SER A 5 -14.12 3.92 -0.45
CA SER A 5 -13.41 3.42 -1.64
C SER A 5 -12.62 2.14 -1.38
N SER A 6 -12.56 1.26 -2.38
CA SER A 6 -11.72 0.05 -2.39
C SER A 6 -10.22 0.41 -2.51
N GLY A 7 -9.34 -0.48 -2.05
CA GLY A 7 -7.89 -0.30 -2.09
C GLY A 7 -7.09 -1.38 -1.36
N TYR A 8 -5.78 -1.12 -1.20
CA TYR A 8 -4.78 -2.02 -0.60
C TYR A 8 -4.04 -1.30 0.54
N VAL A 9 -3.52 -2.03 1.53
CA VAL A 9 -2.97 -1.44 2.76
C VAL A 9 -1.51 -1.85 3.02
N CYS A 10 -0.69 -0.89 3.48
CA CYS A 10 0.69 -1.07 3.92
C CYS A 10 0.80 -2.04 5.10
N ALA A 11 1.56 -3.11 4.94
CA ALA A 11 1.83 -4.09 6.00
C ALA A 11 2.78 -3.55 7.09
N LEU A 12 3.35 -2.35 6.89
CA LEU A 12 4.36 -1.74 7.77
C LEU A 12 3.76 -0.61 8.61
N CYS A 13 3.06 0.33 7.96
CA CYS A 13 2.43 1.51 8.59
C CYS A 13 0.88 1.57 8.55
N LEU A 14 0.21 0.54 8.01
CA LEU A 14 -1.24 0.35 8.01
C LEU A 14 -2.05 1.48 7.31
N LYS A 15 -1.43 2.12 6.31
CA LYS A 15 -2.01 3.17 5.45
C LYS A 15 -2.60 2.59 4.14
N LYS A 16 -3.75 3.11 3.69
CA LYS A 16 -4.47 2.63 2.49
C LYS A 16 -4.09 3.39 1.20
N PHE A 17 -4.13 2.67 0.09
CA PHE A 17 -3.73 3.11 -1.27
C PHE A 17 -4.71 2.65 -2.35
N VAL A 18 -4.84 3.45 -3.42
CA VAL A 18 -5.77 3.27 -4.55
C VAL A 18 -5.49 2.02 -5.39
N SER A 19 -4.23 1.57 -5.45
CA SER A 19 -3.75 0.44 -6.27
C SER A 19 -2.60 -0.28 -5.58
N SER A 20 -2.45 -1.58 -5.85
CA SER A 20 -1.33 -2.38 -5.32
C SER A 20 0.02 -1.91 -5.87
N ILE A 21 0.05 -1.22 -7.02
CA ILE A 21 1.25 -0.56 -7.56
C ILE A 21 1.65 0.66 -6.71
N ARG A 22 0.68 1.44 -6.24
CA ARG A 22 0.91 2.61 -5.37
C ARG A 22 1.27 2.19 -3.95
N LEU A 23 0.76 1.06 -3.49
CA LEU A 23 1.20 0.41 -2.25
C LEU A 23 2.65 -0.05 -2.38
N ARG A 24 3.03 -0.75 -3.46
CA ARG A 24 4.43 -1.15 -3.69
C ARG A 24 5.37 0.06 -3.65
N SER A 25 5.02 1.07 -4.42
CA SER A 25 5.81 2.29 -4.60
C SER A 25 5.96 3.08 -3.30
N HIS A 26 4.90 3.19 -2.50
CA HIS A 26 4.94 3.80 -1.15
C HIS A 26 6.04 3.19 -0.28
N ILE A 27 6.14 1.86 -0.25
CA ILE A 27 7.13 1.16 0.57
C ILE A 27 8.55 1.56 0.14
N ARG A 28 8.80 1.71 -1.16
CA ARG A 28 10.13 2.12 -1.66
C ARG A 28 10.44 3.58 -1.32
N GLU A 29 9.44 4.46 -1.42
CA GLU A 29 9.57 5.90 -1.18
C GLU A 29 9.87 6.24 0.29
N VAL A 30 9.23 5.55 1.25
CA VAL A 30 9.30 5.95 2.67
C VAL A 30 9.84 4.89 3.63
N HIS A 31 9.68 3.61 3.30
CA HIS A 31 10.22 2.49 4.11
C HIS A 31 11.54 1.94 3.53
N GLY A 32 11.88 2.32 2.29
CA GLY A 32 13.18 2.05 1.65
C GLY A 32 13.48 0.57 1.36
N ALA A 33 12.47 -0.30 1.22
CA ALA A 33 12.65 -1.72 0.95
C ALA A 33 13.15 -1.96 -0.49
N ALA A 34 14.44 -2.22 -0.65
CA ALA A 34 15.15 -2.26 -1.93
C ALA A 34 14.86 -3.55 -2.73
N GLN A 35 13.86 -3.45 -3.60
CA GLN A 35 13.50 -4.45 -4.62
C GLN A 35 14.60 -4.66 -5.68
ZN ZN B . 3.80 2.24 4.85
N GLY A 1 -16.98 -7.05 2.34
CA GLY A 1 -17.59 -5.73 2.13
C GLY A 1 -18.52 -5.74 0.92
N SER A 2 -19.60 -4.94 0.97
CA SER A 2 -20.64 -4.88 -0.08
C SER A 2 -20.29 -4.01 -1.29
N SER A 3 -19.22 -3.20 -1.21
CA SER A 3 -18.72 -2.34 -2.28
C SER A 3 -18.02 -3.12 -3.42
N GLY A 4 -18.00 -2.54 -4.61
CA GLY A 4 -17.40 -3.16 -5.81
C GLY A 4 -15.86 -3.17 -5.83
N SER A 5 -15.20 -2.33 -5.03
CA SER A 5 -13.74 -2.23 -4.89
C SER A 5 -13.34 -1.66 -3.52
N SER A 6 -12.14 -2.01 -3.05
CA SER A 6 -11.50 -1.48 -1.84
C SER A 6 -9.97 -1.44 -2.00
N GLY A 7 -9.33 -0.44 -1.40
CA GLY A 7 -7.88 -0.19 -1.52
C GLY A 7 -6.98 -1.21 -0.81
N TYR A 8 -5.70 -1.18 -1.16
CA TYR A 8 -4.63 -2.06 -0.63
C TYR A 8 -3.92 -1.36 0.53
N VAL A 9 -3.51 -2.12 1.56
CA VAL A 9 -2.99 -1.53 2.82
C VAL A 9 -1.55 -1.94 3.11
N CYS A 10 -0.74 -0.98 3.55
CA CYS A 10 0.66 -1.15 3.95
C CYS A 10 0.78 -2.06 5.18
N ALA A 11 1.54 -3.16 5.05
CA ALA A 11 1.81 -4.07 6.15
C ALA A 11 2.78 -3.47 7.21
N LEU A 12 3.35 -2.30 6.94
CA LEU A 12 4.36 -1.64 7.77
C LEU A 12 3.76 -0.48 8.58
N CYS A 13 3.03 0.41 7.91
CA CYS A 13 2.38 1.61 8.52
C CYS A 13 0.83 1.62 8.51
N LEU A 14 0.18 0.57 8.00
CA LEU A 14 -1.29 0.36 8.04
C LEU A 14 -2.13 1.44 7.33
N LYS A 15 -1.54 2.09 6.31
CA LYS A 15 -2.17 3.09 5.42
C LYS A 15 -2.74 2.46 4.15
N LYS A 16 -3.92 2.90 3.71
CA LYS A 16 -4.60 2.42 2.49
C LYS A 16 -4.26 3.25 1.23
N PHE A 17 -4.20 2.58 0.08
CA PHE A 17 -3.86 3.12 -1.25
C PHE A 17 -4.83 2.61 -2.33
N VAL A 18 -4.99 3.41 -3.39
CA VAL A 18 -5.91 3.16 -4.52
C VAL A 18 -5.55 1.91 -5.37
N SER A 19 -4.28 1.49 -5.35
CA SER A 19 -3.75 0.36 -6.14
C SER A 19 -2.58 -0.32 -5.42
N SER A 20 -2.37 -1.61 -5.70
CA SER A 20 -1.21 -2.37 -5.23
C SER A 20 0.11 -1.78 -5.74
N ILE A 21 0.12 -1.18 -6.93
CA ILE A 21 1.30 -0.49 -7.50
C ILE A 21 1.64 0.79 -6.72
N ARG A 22 0.62 1.55 -6.33
CA ARG A 22 0.75 2.77 -5.51
C ARG A 22 1.28 2.44 -4.11
N LEU A 23 0.80 1.33 -3.53
CA LEU A 23 1.29 0.79 -2.26
C LEU A 23 2.75 0.32 -2.38
N ARG A 24 3.09 -0.46 -3.42
CA ARG A 24 4.47 -0.94 -3.63
C ARG A 24 5.45 0.23 -3.74
N SER A 25 5.11 1.21 -4.57
CA SER A 25 5.90 2.45 -4.73
C SER A 25 6.07 3.21 -3.41
N HIS A 26 5.00 3.31 -2.60
CA HIS A 26 5.06 3.91 -1.26
C HIS A 26 6.10 3.22 -0.36
N ILE A 27 6.13 1.88 -0.35
CA ILE A 27 7.07 1.13 0.49
C ILE A 27 8.51 1.44 0.09
N ARG A 28 8.81 1.55 -1.21
CA ARG A 28 10.18 1.90 -1.66
C ARG A 28 10.54 3.35 -1.33
N GLU A 29 9.58 4.27 -1.48
CA GLU A 29 9.80 5.71 -1.29
C GLU A 29 10.01 6.10 0.18
N VAL A 30 9.28 5.50 1.14
CA VAL A 30 9.32 5.92 2.55
C VAL A 30 9.86 4.87 3.53
N HIS A 31 9.68 3.58 3.24
CA HIS A 31 10.18 2.50 4.10
C HIS A 31 11.51 1.91 3.58
N GLY A 32 11.87 2.22 2.33
CA GLY A 32 13.15 1.88 1.71
C GLY A 32 13.47 0.38 1.63
N ALA A 33 12.46 -0.48 1.49
CA ALA A 33 12.60 -1.92 1.43
C ALA A 33 13.51 -2.36 0.27
N ALA A 34 14.49 -3.19 0.61
CA ALA A 34 15.45 -3.83 -0.28
C ALA A 34 15.98 -5.13 0.36
N GLN A 35 15.89 -6.23 -0.40
CA GLN A 35 16.40 -7.57 -0.02
C GLN A 35 17.93 -7.68 -0.18
ZN ZN B . 3.73 2.26 4.71
N GLY A 1 -23.54 -9.72 -0.46
CA GLY A 1 -22.28 -9.85 -1.23
C GLY A 1 -22.21 -8.81 -2.34
N SER A 2 -20.99 -8.33 -2.64
CA SER A 2 -20.72 -7.27 -3.63
C SER A 2 -19.51 -7.60 -4.53
N SER A 3 -19.50 -7.04 -5.74
CA SER A 3 -18.41 -7.18 -6.72
C SER A 3 -17.22 -6.26 -6.44
N GLY A 4 -16.07 -6.53 -7.06
CA GLY A 4 -14.83 -5.76 -6.91
C GLY A 4 -14.13 -5.95 -5.55
N SER A 5 -13.29 -4.98 -5.18
CA SER A 5 -12.51 -4.95 -3.93
C SER A 5 -12.42 -3.55 -3.33
N SER A 6 -12.05 -3.45 -2.04
CA SER A 6 -11.99 -2.20 -1.27
C SER A 6 -10.69 -1.41 -1.41
N GLY A 7 -9.64 -1.98 -2.03
CA GLY A 7 -8.30 -1.38 -2.16
C GLY A 7 -7.22 -2.18 -1.42
N TYR A 8 -6.07 -1.53 -1.17
CA TYR A 8 -4.85 -2.14 -0.62
C TYR A 8 -4.32 -1.35 0.58
N VAL A 9 -3.65 -2.00 1.53
CA VAL A 9 -3.11 -1.37 2.75
C VAL A 9 -1.67 -1.83 3.02
N CYS A 10 -0.83 -0.90 3.48
CA CYS A 10 0.56 -1.14 3.90
C CYS A 10 0.66 -2.16 5.04
N ALA A 11 1.61 -3.09 4.94
CA ALA A 11 1.90 -4.08 5.97
C ALA A 11 2.81 -3.53 7.08
N LEU A 12 3.33 -2.31 6.92
CA LEU A 12 4.35 -1.70 7.78
C LEU A 12 3.77 -0.54 8.62
N CYS A 13 3.13 0.43 7.94
CA CYS A 13 2.49 1.61 8.56
C CYS A 13 0.94 1.63 8.52
N LEU A 14 0.31 0.64 7.88
CA LEU A 14 -1.15 0.43 7.81
C LEU A 14 -1.93 1.59 7.13
N LYS A 15 -1.26 2.33 6.24
CA LYS A 15 -1.85 3.33 5.32
C LYS A 15 -2.55 2.69 4.12
N LYS A 16 -3.70 3.24 3.70
CA LYS A 16 -4.54 2.72 2.60
C LYS A 16 -4.27 3.38 1.24
N PHE A 17 -4.46 2.61 0.17
CA PHE A 17 -4.14 2.94 -1.23
C PHE A 17 -5.19 2.41 -2.23
N VAL A 18 -5.27 3.09 -3.38
CA VAL A 18 -6.18 2.76 -4.50
C VAL A 18 -5.73 1.52 -5.30
N SER A 19 -4.42 1.22 -5.32
CA SER A 19 -3.81 0.14 -6.11
C SER A 19 -2.57 -0.43 -5.41
N SER A 20 -2.28 -1.71 -5.67
CA SER A 20 -1.05 -2.38 -5.23
C SER A 20 0.21 -1.70 -5.78
N ILE A 21 0.13 -1.06 -6.96
CA ILE A 21 1.25 -0.31 -7.56
C ILE A 21 1.58 0.95 -6.73
N ARG A 22 0.55 1.70 -6.30
CA ARG A 22 0.69 2.87 -5.43
C ARG A 22 1.30 2.50 -4.08
N LEU A 23 0.89 1.36 -3.53
CA LEU A 23 1.40 0.81 -2.29
C LEU A 23 2.86 0.34 -2.44
N ARG A 24 3.21 -0.39 -3.51
CA ARG A 24 4.59 -0.85 -3.76
C ARG A 24 5.57 0.32 -3.76
N SER A 25 5.28 1.34 -4.55
CA SER A 25 6.09 2.55 -4.65
C SER A 25 6.16 3.34 -3.34
N HIS A 26 5.08 3.39 -2.54
CA HIS A 26 5.12 3.92 -1.18
C HIS A 26 6.14 3.19 -0.30
N ILE A 27 6.17 1.85 -0.34
CA ILE A 27 7.13 1.08 0.48
C ILE A 27 8.57 1.42 0.08
N ARG A 28 8.87 1.55 -1.21
CA ARG A 28 10.24 1.89 -1.67
C ARG A 28 10.65 3.31 -1.30
N GLU A 29 9.73 4.28 -1.40
CA GLU A 29 10.02 5.70 -1.13
C GLU A 29 10.04 6.05 0.37
N VAL A 30 9.20 5.39 1.18
CA VAL A 30 8.94 5.76 2.59
C VAL A 30 9.55 4.78 3.58
N HIS A 31 9.62 3.48 3.25
CA HIS A 31 10.17 2.44 4.12
C HIS A 31 11.52 1.88 3.63
N GLY A 32 11.89 2.12 2.36
CA GLY A 32 13.20 1.81 1.80
C GLY A 32 13.55 0.32 1.76
N ALA A 33 12.58 -0.55 1.49
CA ALA A 33 12.76 -1.99 1.37
C ALA A 33 13.84 -2.33 0.31
N ALA A 34 14.80 -3.14 0.74
CA ALA A 34 15.95 -3.59 -0.05
C ALA A 34 15.66 -4.94 -0.74
N GLN A 35 15.12 -4.85 -1.95
CA GLN A 35 14.72 -5.96 -2.84
C GLN A 35 14.84 -5.62 -4.33
ZN ZN B . 3.72 2.17 4.72
N GLY A 1 -14.95 -7.63 -11.16
CA GLY A 1 -15.93 -6.84 -10.38
C GLY A 1 -15.28 -6.16 -9.18
N SER A 2 -16.11 -5.65 -8.26
CA SER A 2 -15.67 -4.98 -7.02
C SER A 2 -15.28 -6.00 -5.92
N SER A 3 -14.51 -5.54 -4.92
CA SER A 3 -14.02 -6.34 -3.78
C SER A 3 -14.22 -5.62 -2.46
N GLY A 4 -14.56 -6.35 -1.39
CA GLY A 4 -14.96 -5.80 -0.08
C GLY A 4 -13.88 -5.00 0.65
N SER A 5 -12.60 -5.18 0.31
CA SER A 5 -11.46 -4.42 0.85
C SER A 5 -11.39 -2.98 0.32
N SER A 6 -12.03 -2.68 -0.82
CA SER A 6 -12.11 -1.36 -1.48
C SER A 6 -10.78 -0.62 -1.67
N GLY A 7 -9.67 -1.36 -1.78
CA GLY A 7 -8.30 -0.85 -1.89
C GLY A 7 -7.25 -1.82 -1.36
N TYR A 8 -6.02 -1.33 -1.20
CA TYR A 8 -4.84 -2.06 -0.72
C TYR A 8 -4.22 -1.35 0.48
N VAL A 9 -3.51 -2.05 1.38
CA VAL A 9 -3.01 -1.47 2.64
C VAL A 9 -1.54 -1.84 2.89
N CYS A 10 -0.76 -0.88 3.41
CA CYS A 10 0.61 -1.07 3.89
C CYS A 10 0.68 -2.12 5.00
N ALA A 11 1.67 -3.01 4.93
CA ALA A 11 1.95 -4.00 5.95
C ALA A 11 2.85 -3.45 7.08
N LEU A 12 3.41 -2.24 6.92
CA LEU A 12 4.35 -1.64 7.88
C LEU A 12 3.69 -0.53 8.72
N CYS A 13 3.06 0.43 8.04
CA CYS A 13 2.39 1.61 8.64
C CYS A 13 0.85 1.61 8.56
N LEU A 14 0.25 0.56 7.98
CA LEU A 14 -1.21 0.30 7.93
C LEU A 14 -2.05 1.37 7.19
N LYS A 15 -1.43 2.19 6.33
CA LYS A 15 -2.09 3.16 5.43
C LYS A 15 -2.78 2.48 4.24
N LYS A 16 -3.95 2.99 3.82
CA LYS A 16 -4.69 2.53 2.63
C LYS A 16 -4.31 3.27 1.33
N PHE A 17 -4.47 2.58 0.20
CA PHE A 17 -4.10 2.97 -1.17
C PHE A 17 -5.14 2.55 -2.21
N VAL A 18 -5.19 3.29 -3.32
CA VAL A 18 -6.07 3.05 -4.48
C VAL A 18 -5.66 1.84 -5.33
N SER A 19 -4.37 1.48 -5.33
CA SER A 19 -3.79 0.41 -6.17
C SER A 19 -2.61 -0.27 -5.47
N SER A 20 -2.37 -1.54 -5.81
CA SER A 20 -1.19 -2.31 -5.38
C SER A 20 0.12 -1.67 -5.85
N ILE A 21 0.13 -0.99 -7.00
CA ILE A 21 1.31 -0.28 -7.52
C ILE A 21 1.66 0.93 -6.66
N ARG A 22 0.64 1.70 -6.23
CA ARG A 22 0.80 2.86 -5.33
C ARG A 22 1.34 2.43 -3.96
N LEU A 23 0.85 1.30 -3.45
CA LEU A 23 1.32 0.65 -2.23
C LEU A 23 2.78 0.16 -2.36
N ARG A 24 3.12 -0.54 -3.45
CA ARG A 24 4.48 -1.05 -3.68
C ARG A 24 5.50 0.07 -3.65
N SER A 25 5.27 1.10 -4.46
CA SER A 25 6.16 2.26 -4.57
C SER A 25 6.23 3.09 -3.27
N HIS A 26 5.13 3.20 -2.51
CA HIS A 26 5.15 3.78 -1.15
C HIS A 26 6.19 3.09 -0.26
N ILE A 27 6.23 1.75 -0.25
CA ILE A 27 7.21 1.03 0.57
C ILE A 27 8.64 1.38 0.12
N ARG A 28 8.91 1.44 -1.18
CA ARG A 28 10.26 1.73 -1.69
C ARG A 28 10.72 3.16 -1.38
N GLU A 29 9.83 4.15 -1.46
CA GLU A 29 10.18 5.57 -1.29
C GLU A 29 10.08 6.08 0.16
N VAL A 30 9.17 5.53 0.96
CA VAL A 30 8.91 5.95 2.35
C VAL A 30 9.55 5.02 3.38
N HIS A 31 9.58 3.71 3.12
CA HIS A 31 10.15 2.72 4.05
C HIS A 31 11.51 2.16 3.59
N GLY A 32 11.89 2.35 2.32
CA GLY A 32 13.21 2.01 1.78
C GLY A 32 13.53 0.53 1.67
N ALA A 33 12.53 -0.35 1.57
CA ALA A 33 12.73 -1.79 1.44
C ALA A 33 13.27 -2.15 0.03
N ALA A 34 14.57 -2.44 -0.06
CA ALA A 34 15.28 -2.72 -1.32
C ALA A 34 16.19 -3.96 -1.27
N GLN A 35 16.06 -4.79 -0.23
CA GLN A 35 16.84 -6.04 -0.02
C GLN A 35 16.36 -7.18 -0.92
ZN ZN B . 3.71 2.24 4.83
N GLY A 1 -24.02 5.47 -0.09
CA GLY A 1 -23.36 6.60 -0.78
C GLY A 1 -21.98 6.20 -1.28
N SER A 2 -20.94 6.94 -0.90
CA SER A 2 -19.51 6.63 -1.15
C SER A 2 -18.96 5.56 -0.17
N SER A 3 -19.75 4.50 0.02
CA SER A 3 -19.59 3.46 1.06
C SER A 3 -18.58 2.36 0.70
N GLY A 4 -18.22 2.21 -0.58
CA GLY A 4 -17.20 1.27 -1.06
C GLY A 4 -15.75 1.72 -0.78
N SER A 5 -14.80 0.81 -0.95
CA SER A 5 -13.35 1.09 -0.77
C SER A 5 -12.48 0.26 -1.72
N SER A 6 -12.41 -1.06 -1.51
CA SER A 6 -11.59 -2.02 -2.29
C SER A 6 -10.10 -1.66 -2.42
N GLY A 7 -9.56 -0.84 -1.50
CA GLY A 7 -8.17 -0.40 -1.50
C GLY A 7 -7.16 -1.45 -0.98
N TYR A 8 -5.87 -1.15 -1.14
CA TYR A 8 -4.74 -1.96 -0.72
C TYR A 8 -4.00 -1.27 0.44
N VAL A 9 -3.47 -2.02 1.42
CA VAL A 9 -2.95 -1.44 2.68
C VAL A 9 -1.51 -1.87 2.98
N CYS A 10 -0.71 -0.93 3.49
CA CYS A 10 0.67 -1.12 3.94
C CYS A 10 0.76 -2.17 5.08
N ALA A 11 1.71 -3.09 4.96
CA ALA A 11 2.00 -4.09 6.00
C ALA A 11 2.89 -3.53 7.13
N LEU A 12 3.38 -2.29 6.98
CA LEU A 12 4.36 -1.67 7.87
C LEU A 12 3.76 -0.51 8.69
N CYS A 13 3.10 0.44 8.01
CA CYS A 13 2.43 1.60 8.61
C CYS A 13 0.87 1.60 8.53
N LEU A 14 0.28 0.57 7.91
CA LEU A 14 -1.18 0.32 7.85
C LEU A 14 -2.01 1.44 7.19
N LYS A 15 -1.39 2.19 6.26
CA LYS A 15 -2.02 3.19 5.39
C LYS A 15 -2.63 2.57 4.13
N LYS A 16 -3.79 3.08 3.68
CA LYS A 16 -4.53 2.60 2.49
C LYS A 16 -4.18 3.38 1.21
N PHE A 17 -4.19 2.67 0.08
CA PHE A 17 -3.86 3.14 -1.27
C PHE A 17 -4.86 2.65 -2.32
N VAL A 18 -4.94 3.36 -3.44
CA VAL A 18 -5.86 3.10 -4.57
C VAL A 18 -5.53 1.83 -5.35
N SER A 19 -4.24 1.42 -5.40
CA SER A 19 -3.79 0.22 -6.12
C SER A 19 -2.61 -0.48 -5.41
N SER A 20 -2.37 -1.73 -5.78
CA SER A 20 -1.19 -2.49 -5.37
C SER A 20 0.12 -1.84 -5.84
N ILE A 21 0.11 -1.13 -6.98
CA ILE A 21 1.27 -0.39 -7.50
C ILE A 21 1.57 0.85 -6.65
N ARG A 22 0.54 1.62 -6.26
CA ARG A 22 0.73 2.79 -5.38
C ARG A 22 1.20 2.37 -3.99
N LEU A 23 0.71 1.24 -3.48
CA LEU A 23 1.19 0.60 -2.26
C LEU A 23 2.66 0.17 -2.38
N ARG A 24 3.03 -0.55 -3.44
CA ARG A 24 4.42 -1.00 -3.65
C ARG A 24 5.39 0.18 -3.70
N SER A 25 5.06 1.18 -4.51
CA SER A 25 5.85 2.41 -4.65
C SER A 25 5.99 3.17 -3.32
N HIS A 26 4.93 3.25 -2.51
CA HIS A 26 4.98 3.84 -1.17
C HIS A 26 6.05 3.18 -0.29
N ILE A 27 6.11 1.85 -0.28
CA ILE A 27 7.06 1.10 0.56
C ILE A 27 8.51 1.44 0.14
N ARG A 28 8.79 1.60 -1.15
CA ARG A 28 10.14 1.98 -1.61
C ARG A 28 10.48 3.43 -1.29
N GLU A 29 9.50 4.33 -1.43
CA GLU A 29 9.69 5.77 -1.23
C GLU A 29 9.91 6.16 0.24
N VAL A 30 9.23 5.51 1.20
CA VAL A 30 9.30 5.91 2.62
C VAL A 30 9.85 4.86 3.58
N HIS A 31 9.68 3.57 3.29
CA HIS A 31 10.19 2.47 4.13
C HIS A 31 11.52 1.90 3.60
N GLY A 32 11.87 2.22 2.35
CA GLY A 32 13.14 1.89 1.70
C GLY A 32 13.47 0.39 1.63
N ALA A 33 12.48 -0.46 1.34
CA ALA A 33 12.65 -1.90 1.21
C ALA A 33 13.63 -2.28 0.09
N ALA A 34 14.20 -3.47 0.25
CA ALA A 34 15.30 -4.04 -0.54
C ALA A 34 14.87 -5.11 -1.58
N GLN A 35 13.56 -5.23 -1.84
CA GLN A 35 12.96 -6.22 -2.76
C GLN A 35 13.41 -6.06 -4.23
ZN ZN B . 3.75 2.22 4.83
N GLY A 1 -16.92 -3.07 4.16
CA GLY A 1 -16.79 -4.48 4.61
C GLY A 1 -15.54 -5.14 4.06
N SER A 2 -15.12 -6.26 4.68
CA SER A 2 -13.88 -6.99 4.35
C SER A 2 -14.02 -8.02 3.22
N SER A 3 -15.25 -8.25 2.72
CA SER A 3 -15.57 -9.33 1.76
C SER A 3 -15.09 -9.06 0.32
N GLY A 4 -14.79 -7.80 -0.03
CA GLY A 4 -14.31 -7.41 -1.36
C GLY A 4 -14.28 -5.88 -1.56
N SER A 5 -13.50 -5.43 -2.54
CA SER A 5 -13.29 -4.01 -2.89
C SER A 5 -12.82 -3.12 -1.72
N SER A 6 -12.11 -3.71 -0.75
CA SER A 6 -11.74 -3.06 0.52
C SER A 6 -10.53 -2.10 0.44
N GLY A 7 -9.82 -2.08 -0.70
CA GLY A 7 -8.59 -1.32 -0.91
C GLY A 7 -7.32 -2.04 -0.44
N TYR A 8 -6.15 -1.58 -0.92
CA TYR A 8 -4.83 -2.14 -0.59
C TYR A 8 -4.21 -1.40 0.60
N VAL A 9 -3.53 -2.09 1.51
CA VAL A 9 -2.99 -1.49 2.76
C VAL A 9 -1.55 -1.91 3.02
N CYS A 10 -0.74 -0.96 3.50
CA CYS A 10 0.64 -1.16 3.92
C CYS A 10 0.76 -2.16 5.09
N ALA A 11 1.70 -3.10 4.98
CA ALA A 11 2.00 -4.07 6.04
C ALA A 11 2.89 -3.48 7.15
N LEU A 12 3.38 -2.24 6.97
CA LEU A 12 4.37 -1.59 7.85
C LEU A 12 3.76 -0.42 8.64
N CYS A 13 3.11 0.52 7.93
CA CYS A 13 2.44 1.70 8.52
C CYS A 13 0.88 1.68 8.48
N LEU A 14 0.28 0.63 7.88
CA LEU A 14 -1.17 0.37 7.85
C LEU A 14 -2.02 1.48 7.18
N LYS A 15 -1.40 2.22 6.25
CA LYS A 15 -2.04 3.21 5.37
C LYS A 15 -2.68 2.56 4.13
N LYS A 16 -3.86 3.06 3.70
CA LYS A 16 -4.63 2.54 2.55
C LYS A 16 -4.32 3.28 1.24
N PHE A 17 -4.40 2.55 0.13
CA PHE A 17 -4.04 2.97 -1.24
C PHE A 17 -5.07 2.52 -2.29
N VAL A 18 -5.14 3.28 -3.39
CA VAL A 18 -6.00 3.04 -4.56
C VAL A 18 -5.60 1.78 -5.36
N SER A 19 -4.31 1.44 -5.41
CA SER A 19 -3.79 0.27 -6.12
C SER A 19 -2.61 -0.39 -5.39
N SER A 20 -2.34 -1.65 -5.74
CA SER A 20 -1.14 -2.36 -5.31
C SER A 20 0.14 -1.70 -5.82
N ILE A 21 0.11 -1.01 -6.98
CA ILE A 21 1.25 -0.27 -7.53
C ILE A 21 1.55 0.97 -6.68
N ARG A 22 0.54 1.75 -6.28
CA ARG A 22 0.75 2.92 -5.40
C ARG A 22 1.30 2.50 -4.04
N LEU A 23 0.83 1.37 -3.52
CA LEU A 23 1.33 0.75 -2.28
C LEU A 23 2.79 0.28 -2.44
N ARG A 24 3.13 -0.44 -3.51
CA ARG A 24 4.50 -0.92 -3.75
C ARG A 24 5.50 0.24 -3.75
N SER A 25 5.23 1.24 -4.57
CA SER A 25 6.06 2.45 -4.68
C SER A 25 6.16 3.25 -3.38
N HIS A 26 5.09 3.31 -2.57
CA HIS A 26 5.12 3.88 -1.22
C HIS A 26 6.14 3.17 -0.33
N ILE A 27 6.19 1.82 -0.33
CA ILE A 27 7.13 1.09 0.51
C ILE A 27 8.58 1.41 0.11
N ARG A 28 8.88 1.51 -1.20
CA ARG A 28 10.25 1.83 -1.66
C ARG A 28 10.66 3.27 -1.30
N GLU A 29 9.75 4.23 -1.43
CA GLU A 29 9.97 5.64 -1.21
C GLU A 29 10.03 6.03 0.28
N VAL A 30 9.17 5.42 1.12
CA VAL A 30 8.96 5.82 2.52
C VAL A 30 9.59 4.86 3.52
N HIS A 31 9.62 3.56 3.22
CA HIS A 31 10.16 2.53 4.12
C HIS A 31 11.51 1.96 3.65
N GLY A 32 11.89 2.17 2.38
CA GLY A 32 13.20 1.81 1.82
C GLY A 32 13.51 0.31 1.83
N ALA A 33 12.49 -0.56 1.68
CA ALA A 33 12.63 -2.00 1.64
C ALA A 33 13.58 -2.45 0.53
N ALA A 34 14.59 -3.22 0.92
CA ALA A 34 15.70 -3.69 0.06
C ALA A 34 15.42 -5.01 -0.69
N GLN A 35 14.17 -5.50 -0.66
CA GLN A 35 13.73 -6.76 -1.29
C GLN A 35 13.74 -6.69 -2.83
ZN ZN B . 3.72 2.23 4.70
N GLY A 1 -22.79 -10.27 -3.13
CA GLY A 1 -23.00 -8.89 -2.68
C GLY A 1 -22.68 -7.88 -3.76
N SER A 2 -23.38 -6.75 -3.78
CA SER A 2 -23.28 -5.71 -4.83
C SER A 2 -22.07 -4.76 -4.70
N SER A 3 -21.41 -4.75 -3.54
CA SER A 3 -20.28 -3.86 -3.22
C SER A 3 -19.01 -4.18 -4.06
N GLY A 4 -18.23 -3.14 -4.38
CA GLY A 4 -16.94 -3.26 -5.06
C GLY A 4 -15.80 -3.77 -4.15
N SER A 5 -14.64 -4.03 -4.74
CA SER A 5 -13.43 -4.52 -4.04
C SER A 5 -12.87 -3.51 -3.04
N SER A 6 -12.25 -4.00 -1.96
CA SER A 6 -11.59 -3.18 -0.93
C SER A 6 -10.23 -2.63 -1.37
N GLY A 7 -9.78 -1.54 -0.72
CA GLY A 7 -8.48 -0.91 -0.96
C GLY A 7 -7.29 -1.75 -0.46
N TYR A 8 -6.10 -1.45 -0.99
CA TYR A 8 -4.83 -2.09 -0.63
C TYR A 8 -4.21 -1.38 0.58
N VAL A 9 -3.51 -2.07 1.49
CA VAL A 9 -2.97 -1.48 2.72
C VAL A 9 -1.50 -1.84 2.97
N CYS A 10 -0.73 -0.86 3.43
CA CYS A 10 0.67 -0.97 3.85
C CYS A 10 0.84 -1.96 5.02
N ALA A 11 1.73 -2.94 4.87
CA ALA A 11 2.09 -3.88 5.93
C ALA A 11 3.11 -3.28 6.94
N LEU A 12 3.60 -2.07 6.66
CA LEU A 12 4.66 -1.39 7.40
C LEU A 12 4.09 -0.34 8.35
N CYS A 13 3.18 0.49 7.80
CA CYS A 13 2.51 1.63 8.48
C CYS A 13 0.95 1.61 8.46
N LEU A 14 0.31 0.61 7.84
CA LEU A 14 -1.15 0.39 7.83
C LEU A 14 -2.00 1.52 7.20
N LYS A 15 -1.40 2.27 6.26
CA LYS A 15 -2.05 3.26 5.37
C LYS A 15 -2.72 2.59 4.16
N LYS A 16 -3.90 3.09 3.75
CA LYS A 16 -4.68 2.56 2.61
C LYS A 16 -4.39 3.28 1.29
N PHE A 17 -4.48 2.54 0.18
CA PHE A 17 -4.16 2.93 -1.19
C PHE A 17 -5.20 2.45 -2.22
N VAL A 18 -5.33 3.21 -3.32
CA VAL A 18 -6.22 2.95 -4.46
C VAL A 18 -5.80 1.77 -5.34
N SER A 19 -4.49 1.45 -5.36
CA SER A 19 -3.90 0.41 -6.22
C SER A 19 -2.71 -0.26 -5.54
N SER A 20 -2.47 -1.53 -5.88
CA SER A 20 -1.30 -2.29 -5.44
C SER A 20 0.02 -1.67 -5.92
N ILE A 21 0.03 -0.99 -7.08
CA ILE A 21 1.23 -0.29 -7.59
C ILE A 21 1.58 0.90 -6.69
N ARG A 22 0.58 1.69 -6.29
CA ARG A 22 0.75 2.85 -5.38
C ARG A 22 1.27 2.41 -4.01
N LEU A 23 0.80 1.27 -3.51
CA LEU A 23 1.29 0.61 -2.30
C LEU A 23 2.74 0.13 -2.49
N ARG A 24 3.05 -0.62 -3.56
CA ARG A 24 4.39 -1.21 -3.78
C ARG A 24 5.48 -0.15 -3.81
N SER A 25 5.23 0.96 -4.50
CA SER A 25 6.18 2.08 -4.63
C SER A 25 6.23 2.97 -3.37
N HIS A 26 5.13 3.11 -2.62
CA HIS A 26 5.14 3.78 -1.30
C HIS A 26 6.17 3.16 -0.35
N ILE A 27 6.28 1.82 -0.32
CA ILE A 27 7.21 1.13 0.58
C ILE A 27 8.66 1.49 0.25
N ARG A 28 9.00 1.67 -1.02
CA ARG A 28 10.38 1.96 -1.45
C ARG A 28 10.77 3.41 -1.16
N GLU A 29 9.81 4.33 -1.29
CA GLU A 29 10.01 5.77 -1.02
C GLU A 29 9.99 6.12 0.48
N VAL A 30 9.16 5.43 1.28
CA VAL A 30 8.89 5.79 2.69
C VAL A 30 9.52 4.83 3.70
N HIS A 31 9.59 3.53 3.37
CA HIS A 31 10.10 2.48 4.27
C HIS A 31 11.42 1.84 3.80
N GLY A 32 11.87 2.16 2.58
CA GLY A 32 13.20 1.82 2.04
C GLY A 32 13.43 0.35 1.67
N ALA A 33 12.39 -0.41 1.34
CA ALA A 33 12.48 -1.84 0.97
C ALA A 33 13.00 -2.08 -0.47
N ALA A 34 14.13 -1.47 -0.79
CA ALA A 34 14.80 -1.48 -2.10
C ALA A 34 16.33 -1.70 -2.02
N GLN A 35 16.85 -2.07 -0.84
CA GLN A 35 18.27 -2.32 -0.54
C GLN A 35 18.48 -3.49 0.44
ZN ZN B . 3.60 2.57 4.71
N GLY A 1 -19.56 -3.70 -1.22
CA GLY A 1 -19.11 -4.89 -2.00
C GLY A 1 -18.87 -6.09 -1.11
N SER A 2 -19.20 -7.29 -1.59
CA SER A 2 -19.19 -8.55 -0.81
C SER A 2 -17.80 -9.00 -0.31
N SER A 3 -16.72 -8.43 -0.86
CA SER A 3 -15.34 -8.62 -0.40
C SER A 3 -15.05 -7.97 0.97
N GLY A 4 -15.84 -6.98 1.38
CA GLY A 4 -15.68 -6.25 2.65
C GLY A 4 -14.46 -5.30 2.71
N SER A 5 -13.83 -5.00 1.57
CA SER A 5 -12.62 -4.16 1.45
C SER A 5 -12.77 -3.03 0.42
N SER A 6 -11.96 -1.97 0.58
CA SER A 6 -12.03 -0.72 -0.22
C SER A 6 -10.68 -0.21 -0.76
N GLY A 7 -9.59 -0.95 -0.54
CA GLY A 7 -8.24 -0.61 -1.02
C GLY A 7 -7.15 -1.56 -0.51
N TYR A 8 -5.93 -1.36 -0.99
CA TYR A 8 -4.73 -2.10 -0.56
C TYR A 8 -4.08 -1.40 0.62
N VAL A 9 -3.50 -2.12 1.60
CA VAL A 9 -2.96 -1.53 2.84
C VAL A 9 -1.51 -1.91 3.09
N CYS A 10 -0.73 -0.92 3.53
CA CYS A 10 0.68 -1.02 3.88
C CYS A 10 0.90 -1.93 5.11
N ALA A 11 1.56 -3.06 4.93
CA ALA A 11 1.94 -3.96 6.03
C ALA A 11 2.97 -3.34 7.01
N LEU A 12 3.51 -2.17 6.64
CA LEU A 12 4.57 -1.43 7.35
C LEU A 12 3.96 -0.42 8.34
N CYS A 13 3.05 0.41 7.82
CA CYS A 13 2.42 1.57 8.50
C CYS A 13 0.87 1.57 8.58
N LEU A 14 0.20 0.56 8.01
CA LEU A 14 -1.27 0.37 7.99
C LEU A 14 -2.07 1.48 7.28
N LYS A 15 -1.44 2.18 6.32
CA LYS A 15 -2.06 3.19 5.43
C LYS A 15 -2.69 2.55 4.18
N LYS A 16 -3.86 3.03 3.75
CA LYS A 16 -4.63 2.51 2.59
C LYS A 16 -4.33 3.27 1.29
N PHE A 17 -4.36 2.54 0.17
CA PHE A 17 -4.04 2.98 -1.20
C PHE A 17 -5.06 2.48 -2.24
N VAL A 18 -5.17 3.23 -3.34
CA VAL A 18 -6.08 2.98 -4.48
C VAL A 18 -5.70 1.75 -5.32
N SER A 19 -4.42 1.37 -5.33
CA SER A 19 -3.86 0.27 -6.14
C SER A 19 -2.65 -0.37 -5.46
N SER A 20 -2.39 -1.64 -5.76
CA SER A 20 -1.18 -2.36 -5.31
C SER A 20 0.11 -1.72 -5.83
N ILE A 21 0.11 -1.12 -7.02
CA ILE A 21 1.25 -0.38 -7.58
C ILE A 21 1.55 0.87 -6.74
N ARG A 22 0.50 1.61 -6.37
CA ARG A 22 0.59 2.84 -5.56
C ARG A 22 1.11 2.56 -4.15
N LEU A 23 0.72 1.41 -3.59
CA LEU A 23 1.27 0.88 -2.35
C LEU A 23 2.73 0.43 -2.51
N ARG A 24 3.07 -0.36 -3.54
CA ARG A 24 4.43 -0.91 -3.74
C ARG A 24 5.48 0.20 -3.76
N SER A 25 5.26 1.21 -4.59
CA SER A 25 6.16 2.36 -4.73
C SER A 25 6.25 3.22 -3.46
N HIS A 26 5.18 3.33 -2.66
CA HIS A 26 5.21 3.95 -1.33
C HIS A 26 6.18 3.23 -0.39
N ILE A 27 6.21 1.88 -0.38
CA ILE A 27 7.12 1.14 0.51
C ILE A 27 8.58 1.43 0.15
N ARG A 28 8.93 1.50 -1.14
CA ARG A 28 10.30 1.78 -1.57
C ARG A 28 10.74 3.20 -1.20
N GLU A 29 9.86 4.19 -1.36
CA GLU A 29 10.11 5.60 -1.16
C GLU A 29 10.11 6.01 0.32
N VAL A 30 9.21 5.43 1.13
CA VAL A 30 8.96 5.86 2.53
C VAL A 30 9.54 4.89 3.56
N HIS A 31 9.55 3.59 3.27
CA HIS A 31 10.03 2.55 4.20
C HIS A 31 11.38 1.94 3.78
N GLY A 32 11.82 2.14 2.52
CA GLY A 32 13.14 1.73 2.04
C GLY A 32 13.40 0.21 2.09
N ALA A 33 12.36 -0.61 1.92
CA ALA A 33 12.40 -2.06 2.14
C ALA A 33 13.38 -2.83 1.23
N ALA A 34 13.67 -2.30 0.04
CA ALA A 34 14.68 -2.79 -0.90
C ALA A 34 15.18 -1.62 -1.77
N GLN A 35 16.50 -1.50 -1.90
CA GLN A 35 17.18 -0.48 -2.73
C GLN A 35 16.93 -0.64 -4.24
ZN ZN B . 3.56 2.57 4.54
N GLY A 1 -18.74 -0.52 -0.52
CA GLY A 1 -17.52 0.09 0.06
C GLY A 1 -16.41 -0.93 0.15
N SER A 2 -15.21 -0.59 -0.36
CA SER A 2 -14.07 -1.53 -0.55
C SER A 2 -14.48 -2.79 -1.35
N SER A 3 -15.35 -2.61 -2.35
CA SER A 3 -16.03 -3.68 -3.08
C SER A 3 -15.09 -4.46 -4.00
N GLY A 4 -15.36 -5.77 -4.18
CA GLY A 4 -14.53 -6.66 -4.99
C GLY A 4 -13.10 -6.81 -4.45
N SER A 5 -12.11 -6.81 -5.35
CA SER A 5 -10.68 -6.89 -5.04
C SER A 5 -10.00 -5.52 -4.80
N SER A 6 -10.72 -4.41 -4.99
CA SER A 6 -10.19 -3.04 -4.90
C SER A 6 -9.83 -2.62 -3.47
N GLY A 7 -8.81 -1.76 -3.35
CA GLY A 7 -8.30 -1.21 -2.08
C GLY A 7 -7.23 -2.10 -1.42
N TYR A 8 -6.08 -1.50 -1.09
CA TYR A 8 -4.89 -2.16 -0.54
C TYR A 8 -4.36 -1.39 0.68
N VAL A 9 -3.64 -2.06 1.60
CA VAL A 9 -3.10 -1.45 2.83
C VAL A 9 -1.63 -1.82 3.05
N CYS A 10 -0.84 -0.84 3.48
CA CYS A 10 0.58 -0.97 3.82
C CYS A 10 0.79 -1.89 5.03
N ALA A 11 1.51 -3.00 4.84
CA ALA A 11 1.87 -3.91 5.92
C ALA A 11 2.91 -3.32 6.90
N LEU A 12 3.46 -2.15 6.56
CA LEU A 12 4.54 -1.46 7.28
C LEU A 12 3.97 -0.44 8.27
N CYS A 13 3.09 0.43 7.76
CA CYS A 13 2.47 1.57 8.46
C CYS A 13 0.91 1.61 8.53
N LEU A 14 0.22 0.62 7.96
CA LEU A 14 -1.25 0.46 7.96
C LEU A 14 -2.04 1.58 7.25
N LYS A 15 -1.39 2.33 6.35
CA LYS A 15 -2.04 3.30 5.43
C LYS A 15 -2.76 2.59 4.26
N LYS A 16 -3.92 3.11 3.84
CA LYS A 16 -4.69 2.63 2.68
C LYS A 16 -4.30 3.28 1.34
N PHE A 17 -4.47 2.54 0.25
CA PHE A 17 -4.13 2.87 -1.13
C PHE A 17 -5.19 2.37 -2.14
N VAL A 18 -5.25 3.05 -3.30
CA VAL A 18 -6.16 2.70 -4.41
C VAL A 18 -5.73 1.43 -5.17
N SER A 19 -4.42 1.19 -5.31
CA SER A 19 -3.86 0.05 -6.05
C SER A 19 -2.62 -0.54 -5.36
N SER A 20 -2.28 -1.78 -5.73
CA SER A 20 -1.03 -2.42 -5.34
C SER A 20 0.20 -1.67 -5.86
N ILE A 21 0.11 -1.03 -7.04
CA ILE A 21 1.20 -0.22 -7.61
C ILE A 21 1.48 1.03 -6.76
N ARG A 22 0.44 1.76 -6.34
CA ARG A 22 0.61 2.96 -5.49
C ARG A 22 1.22 2.60 -4.14
N LEU A 23 0.85 1.44 -3.59
CA LEU A 23 1.41 0.90 -2.37
C LEU A 23 2.87 0.43 -2.53
N ARG A 24 3.20 -0.33 -3.58
CA ARG A 24 4.55 -0.90 -3.80
C ARG A 24 5.63 0.17 -3.78
N SER A 25 5.42 1.23 -4.55
CA SER A 25 6.35 2.36 -4.66
C SER A 25 6.38 3.23 -3.39
N HIS A 26 5.26 3.35 -2.65
CA HIS A 26 5.26 3.97 -1.32
C HIS A 26 6.22 3.24 -0.37
N ILE A 27 6.23 1.91 -0.37
CA ILE A 27 7.13 1.14 0.50
C ILE A 27 8.59 1.43 0.14
N ARG A 28 8.93 1.57 -1.14
CA ARG A 28 10.32 1.86 -1.57
C ARG A 28 10.74 3.30 -1.22
N GLU A 29 9.85 4.27 -1.36
CA GLU A 29 10.13 5.68 -1.10
C GLU A 29 10.12 6.05 0.40
N VAL A 30 9.26 5.40 1.20
CA VAL A 30 8.99 5.78 2.60
C VAL A 30 9.56 4.78 3.62
N HIS A 31 9.58 3.49 3.29
CA HIS A 31 10.06 2.43 4.20
C HIS A 31 11.38 1.79 3.74
N GLY A 32 11.83 2.04 2.50
CA GLY A 32 13.15 1.65 1.98
C GLY A 32 13.38 0.15 1.84
N ALA A 33 12.34 -0.66 1.61
CA ALA A 33 12.42 -2.10 1.45
C ALA A 33 13.29 -2.50 0.25
N ALA A 34 14.11 -3.51 0.48
CA ALA A 34 15.08 -4.08 -0.47
C ALA A 34 14.50 -5.09 -1.48
N GLN A 35 13.17 -5.23 -1.52
CA GLN A 35 12.41 -6.11 -2.43
C GLN A 35 12.41 -5.57 -3.87
ZN ZN B . 3.57 2.56 4.55
N GLY A 1 -12.67 -16.09 3.27
CA GLY A 1 -13.52 -15.97 2.07
C GLY A 1 -12.83 -15.18 0.97
N SER A 2 -13.62 -14.57 0.08
CA SER A 2 -13.15 -13.71 -1.02
C SER A 2 -12.73 -12.29 -0.56
N SER A 3 -11.98 -11.59 -1.41
CA SER A 3 -11.51 -10.21 -1.21
C SER A 3 -11.95 -9.28 -2.35
N GLY A 4 -12.04 -7.97 -2.08
CA GLY A 4 -12.42 -6.95 -3.06
C GLY A 4 -11.37 -6.71 -4.16
N SER A 5 -11.83 -6.16 -5.30
CA SER A 5 -11.01 -5.88 -6.49
C SER A 5 -10.29 -4.51 -6.46
N SER A 6 -10.49 -3.71 -5.40
CA SER A 6 -9.90 -2.39 -5.18
C SER A 6 -9.66 -2.12 -3.69
N GLY A 7 -8.72 -1.22 -3.37
CA GLY A 7 -8.29 -0.88 -2.02
C GLY A 7 -7.25 -1.85 -1.45
N TYR A 8 -6.06 -1.30 -1.13
CA TYR A 8 -4.87 -2.04 -0.65
C TYR A 8 -4.27 -1.33 0.57
N VAL A 9 -3.64 -2.05 1.50
CA VAL A 9 -3.10 -1.45 2.74
C VAL A 9 -1.66 -1.90 3.02
N CYS A 10 -0.83 -0.96 3.47
CA CYS A 10 0.56 -1.17 3.89
C CYS A 10 0.66 -2.18 5.04
N ALA A 11 1.61 -3.10 4.95
CA ALA A 11 1.90 -4.07 6.02
C ALA A 11 2.80 -3.49 7.13
N LEU A 12 3.32 -2.27 6.94
CA LEU A 12 4.33 -1.64 7.80
C LEU A 12 3.73 -0.47 8.62
N CYS A 13 3.12 0.49 7.92
CA CYS A 13 2.46 1.68 8.53
C CYS A 13 0.91 1.66 8.52
N LEU A 14 0.30 0.61 7.97
CA LEU A 14 -1.16 0.36 7.94
C LEU A 14 -1.99 1.43 7.20
N LYS A 15 -1.38 2.19 6.29
CA LYS A 15 -2.02 3.17 5.40
C LYS A 15 -2.71 2.51 4.19
N LYS A 16 -3.89 3.02 3.79
CA LYS A 16 -4.63 2.58 2.59
C LYS A 16 -4.23 3.31 1.30
N PHE A 17 -4.36 2.61 0.17
CA PHE A 17 -4.02 3.02 -1.20
C PHE A 17 -5.07 2.56 -2.23
N VAL A 18 -5.14 3.28 -3.36
CA VAL A 18 -6.04 2.99 -4.50
C VAL A 18 -5.64 1.72 -5.28
N SER A 19 -4.34 1.39 -5.32
CA SER A 19 -3.78 0.31 -6.13
C SER A 19 -2.57 -0.34 -5.44
N SER A 20 -2.34 -1.63 -5.72
CA SER A 20 -1.15 -2.36 -5.28
C SER A 20 0.14 -1.72 -5.79
N ILE A 21 0.13 -1.10 -6.98
CA ILE A 21 1.29 -0.40 -7.55
C ILE A 21 1.66 0.85 -6.74
N ARG A 22 0.65 1.64 -6.35
CA ARG A 22 0.81 2.84 -5.50
C ARG A 22 1.36 2.47 -4.12
N LEU A 23 0.88 1.36 -3.55
CA LEU A 23 1.37 0.79 -2.30
C LEU A 23 2.82 0.28 -2.43
N ARG A 24 3.14 -0.50 -3.47
CA ARG A 24 4.49 -1.05 -3.68
C ARG A 24 5.54 0.05 -3.76
N SER A 25 5.25 1.09 -4.53
CA SER A 25 6.12 2.26 -4.68
C SER A 25 6.22 3.10 -3.39
N HIS A 26 5.13 3.21 -2.61
CA HIS A 26 5.17 3.80 -1.26
C HIS A 26 6.20 3.10 -0.36
N ILE A 27 6.20 1.76 -0.34
CA ILE A 27 7.14 1.01 0.50
C ILE A 27 8.59 1.35 0.11
N ARG A 28 8.87 1.63 -1.17
CA ARG A 28 10.22 2.02 -1.61
C ARG A 28 10.56 3.47 -1.30
N GLU A 29 9.58 4.38 -1.35
CA GLU A 29 9.73 5.81 -1.19
C GLU A 29 9.98 6.24 0.27
N VAL A 30 9.39 5.55 1.24
CA VAL A 30 9.41 5.95 2.67
C VAL A 30 9.81 4.85 3.65
N HIS A 31 9.60 3.58 3.30
CA HIS A 31 10.13 2.45 4.09
C HIS A 31 11.46 1.89 3.53
N GLY A 32 11.82 2.28 2.30
CA GLY A 32 13.09 1.94 1.65
C GLY A 32 13.42 0.46 1.53
N ALA A 33 12.42 -0.42 1.35
CA ALA A 33 12.59 -1.85 1.24
C ALA A 33 13.32 -2.27 -0.06
N ALA A 34 13.90 -3.45 0.02
CA ALA A 34 14.59 -4.16 -1.06
C ALA A 34 14.45 -5.68 -0.86
N GLN A 35 13.96 -6.37 -1.89
CA GLN A 35 13.74 -7.83 -1.96
C GLN A 35 13.92 -8.40 -3.38
ZN ZN B . 3.68 2.18 4.67
#